data_9JCE
#
_entry.id   9JCE
#
_cell.length_a   1.00
_cell.length_b   1.00
_cell.length_c   1.00
_cell.angle_alpha   90.00
_cell.angle_beta   90.00
_cell.angle_gamma   90.00
#
_symmetry.space_group_name_H-M   'P 1'
#
loop_
_entity.id
_entity.type
_entity.pdbx_description
1 polymer 'Protein fem-1 homolog B'
2 polymer Poly-UNK
3 polymer 'Mitochondrial import receptor subunit TOM20 homolog'
#
loop_
_entity_poly.entity_id
_entity_poly.type
_entity_poly.pdbx_seq_one_letter_code
_entity_poly.pdbx_strand_id
1 'polypeptide(L)'
;MEGLAGYVYKAASEGKVLTLAALLLNRSESDIRYLLGYVSQQGGQRSTPLIIAARNGHAKVVRLLLEHYRVQTQQTGTVR
FDGYVIDGATALWCAAGAGHFEVVKLLVSHGANVNHTTVTNSTPLRAACFDGRLDIVKYLVENNANISIANKYDNTCLMI
AAYKGHTDVVRYLLEQRADPNAKAHCGATALHFAAEAGHIDIVKELIKWRAAIVVNGHGMTPLKVAAESCKADVVELLLS
HADCDRRSRIEALELLGASFANDRENYDIIKTYHYLYLAMLERFQDGDNILEKEVLPPIHAYGNRTECRNPQELESIRQD
RDALHMEGLIVRERILGADNIDVSHPIIYRGAVYADNMEFEQCIKLWLHALHLRQKGNRNTHKDLLRFAQVFSQMIHLNE
TVKAPDIECVLRCSVLEIEQSMNRVKNISDADVHNAMDNYECNLYTFLYLVCISTKTQCSEEDQCKINKQIYNLIHLDPR
TREGFTLLHLAVNSNTPVDDFHTNDVCSFPNALVTKLLLDCGAEVNAVDNEGNSALHIIVQYNRPISDFLTLHSIIISLV
EAGAHTDMTNKQNKTPLDKSTTGVSEILLKTQMKMSLKCLAARAVRANDINYQDQIPRTLEEFVGFH
;
A
2 'polypeptide(L)' (UNK)(UNK)(UNK)(UNK)(UNK)(UNK)(UNK)(UNK)(UNK) C
3 'polypeptide(L)'
;DRKRRSDPNFKNRLRERRKKQKLAKERAGLSKLPDLKDAEAVQKFFLEEIQLGEELLAQGEYEKGVDHLTNAIAVCGQPQ
QLLQVLQQTLPPPVFQMLLTKLPTISQRIVSAQSLAEDDVE
;
B
#
# COMPACT_ATOMS: atom_id res chain seq x y z
N MET A 1 -12.86 30.88 -22.23
CA MET A 1 -13.19 29.49 -22.56
C MET A 1 -12.69 28.53 -21.48
N GLU A 2 -11.39 28.24 -21.52
CA GLU A 2 -10.81 27.30 -20.55
C GLU A 2 -10.88 27.84 -19.13
N GLY A 3 -10.61 29.13 -18.95
CA GLY A 3 -10.72 29.72 -17.62
C GLY A 3 -12.15 29.73 -17.11
N LEU A 4 -13.10 30.07 -17.98
CA LEU A 4 -14.50 30.04 -17.58
C LEU A 4 -14.98 28.62 -17.32
N ALA A 5 -14.50 27.64 -18.10
CA ALA A 5 -14.84 26.25 -17.85
C ALA A 5 -14.26 25.77 -16.51
N GLY A 6 -13.03 26.20 -16.20
CA GLY A 6 -12.47 25.89 -14.89
C GLY A 6 -13.24 26.53 -13.75
N TYR A 7 -13.73 27.75 -13.97
CA TYR A 7 -14.59 28.40 -12.97
C TYR A 7 -15.90 27.63 -12.80
N VAL A 8 -16.46 27.13 -13.91
CA VAL A 8 -17.67 26.32 -13.86
C VAL A 8 -17.43 25.05 -13.04
N TYR A 9 -16.30 24.39 -13.30
CA TYR A 9 -15.95 23.19 -12.55
C TYR A 9 -15.75 23.48 -11.07
N LYS A 10 -15.09 24.61 -10.76
CA LYS A 10 -14.84 24.97 -9.38
C LYS A 10 -16.15 25.28 -8.64
N ALA A 11 -17.08 25.95 -9.31
CA ALA A 11 -18.37 26.26 -8.68
C ALA A 11 -19.23 25.02 -8.54
N ALA A 12 -19.16 24.11 -9.52
CA ALA A 12 -19.97 22.89 -9.46
C ALA A 12 -19.41 21.91 -8.44
N SER A 13 -18.11 21.98 -8.15
CA SER A 13 -17.55 21.17 -7.07
C SER A 13 -18.17 21.55 -5.73
N GLU A 14 -18.39 22.85 -5.51
CA GLU A 14 -19.15 23.31 -4.36
C GLU A 14 -20.66 23.28 -4.62
N GLY A 15 -21.07 22.94 -5.84
CA GLY A 15 -22.48 22.90 -6.18
C GLY A 15 -23.15 24.26 -6.20
N LYS A 16 -22.44 25.28 -6.69
CA LYS A 16 -23.00 26.63 -6.80
C LYS A 16 -23.90 26.65 -8.03
N VAL A 17 -25.17 26.31 -7.81
CA VAL A 17 -26.12 26.22 -8.92
C VAL A 17 -26.42 27.61 -9.49
N LEU A 18 -26.45 28.64 -8.64
CA LEU A 18 -26.71 29.99 -9.13
C LEU A 18 -25.53 30.54 -9.93
N THR A 19 -24.30 30.16 -9.58
CA THR A 19 -23.15 30.57 -10.38
C THR A 19 -23.20 29.94 -11.76
N LEU A 20 -23.55 28.66 -11.84
CA LEU A 20 -23.73 28.00 -13.13
C LEU A 20 -25.00 28.42 -13.84
N ALA A 21 -25.89 29.14 -13.15
CA ALA A 21 -27.06 29.73 -13.78
C ALA A 21 -26.72 30.99 -14.58
N ALA A 22 -25.48 31.43 -14.56
CA ALA A 22 -25.02 32.50 -15.43
C ALA A 22 -23.76 32.12 -16.21
N LEU A 23 -22.88 31.32 -15.62
CA LEU A 23 -21.65 30.95 -16.31
C LEU A 23 -21.93 30.05 -17.51
N LEU A 24 -23.07 29.36 -17.52
CA LEU A 24 -23.47 28.48 -18.60
C LEU A 24 -24.82 28.88 -19.20
N LEU A 25 -25.19 30.15 -19.08
CA LEU A 25 -26.46 30.63 -19.61
C LEU A 25 -26.25 31.97 -20.29
N ASN A 26 -27.28 32.41 -21.02
CA ASN A 26 -27.24 33.56 -21.91
C ASN A 26 -26.11 33.46 -22.93
N ARG A 27 -25.84 32.25 -23.41
CA ARG A 27 -24.83 31.97 -24.42
C ARG A 27 -25.49 31.34 -25.64
N SER A 28 -24.66 30.91 -26.59
CA SER A 28 -25.14 30.21 -27.76
C SER A 28 -25.30 28.72 -27.44
N GLU A 29 -25.45 27.89 -28.46
CA GLU A 29 -25.66 26.46 -28.26
C GLU A 29 -24.35 25.69 -28.17
N SER A 30 -23.51 25.77 -29.21
CA SER A 30 -22.29 24.97 -29.25
C SER A 30 -21.14 25.57 -28.45
N ASP A 31 -21.25 26.83 -28.03
CA ASP A 31 -20.18 27.44 -27.25
C ASP A 31 -20.10 26.83 -25.85
N ILE A 32 -21.25 26.49 -25.26
CA ILE A 32 -21.30 25.90 -23.93
C ILE A 32 -21.41 24.38 -23.97
N ARG A 33 -21.67 23.79 -25.14
CA ARG A 33 -21.82 22.35 -25.25
C ARG A 33 -20.52 21.63 -24.89
N TYR A 34 -19.39 22.17 -25.33
CA TYR A 34 -18.11 21.63 -24.90
C TYR A 34 -17.83 21.91 -23.44
N LEU A 35 -18.31 23.05 -22.93
CA LEU A 35 -18.04 23.43 -21.54
C LEU A 35 -18.74 22.49 -20.55
N LEU A 36 -19.97 22.07 -20.88
CA LEU A 36 -20.68 21.14 -20.01
C LEU A 36 -19.95 19.81 -19.91
N GLY A 37 -19.43 19.32 -21.03
CA GLY A 37 -18.68 18.08 -21.08
C GLY A 37 -17.18 18.22 -20.96
N TYR A 38 -16.68 19.40 -20.57
CA TYR A 38 -15.25 19.61 -20.46
C TYR A 38 -14.73 18.96 -19.18
N VAL A 39 -13.85 17.98 -19.32
CA VAL A 39 -13.19 17.38 -18.16
C VAL A 39 -12.17 18.36 -17.60
N SER A 40 -12.16 18.51 -16.28
CA SER A 40 -11.24 19.42 -15.61
C SER A 40 -10.44 18.64 -14.59
N GLN A 41 -9.11 18.71 -14.70
CA GLN A 41 -8.24 18.03 -13.75
C GLN A 41 -8.02 18.90 -12.53
N GLN A 42 -8.22 18.32 -11.34
CA GLN A 42 -8.03 19.02 -10.09
C GLN A 42 -7.80 18.00 -8.99
N GLY A 43 -6.92 18.33 -8.04
CA GLY A 43 -6.67 17.47 -6.90
C GLY A 43 -6.17 16.09 -7.27
N GLY A 44 -5.50 15.96 -8.42
CA GLY A 44 -5.10 14.66 -8.90
C GLY A 44 -6.25 13.78 -9.34
N GLN A 45 -7.32 14.36 -9.87
CA GLN A 45 -8.40 13.56 -10.44
C GLN A 45 -9.00 14.31 -11.62
N ARG A 46 -9.61 13.55 -12.52
CA ARG A 46 -10.20 14.09 -13.74
C ARG A 46 -11.69 13.79 -13.74
N SER A 47 -12.51 14.83 -13.94
CA SER A 47 -13.95 14.65 -13.89
C SER A 47 -14.64 15.77 -14.67
N THR A 48 -15.85 15.46 -15.12
CA THR A 48 -16.75 16.46 -15.69
C THR A 48 -17.48 17.17 -14.57
N PRO A 49 -18.12 18.32 -14.85
CA PRO A 49 -18.94 18.95 -13.81
C PRO A 49 -20.05 18.08 -13.25
N LEU A 50 -20.67 17.24 -14.10
CA LEU A 50 -21.71 16.34 -13.61
C LEU A 50 -21.14 15.31 -12.64
N ILE A 51 -19.97 14.75 -12.95
CA ILE A 51 -19.38 13.71 -12.12
C ILE A 51 -19.00 14.27 -10.75
N ILE A 52 -18.34 15.42 -10.73
CA ILE A 52 -17.94 16.00 -9.44
C ILE A 52 -19.16 16.53 -8.69
N ALA A 53 -20.19 16.99 -9.41
CA ALA A 53 -21.41 17.44 -8.75
C ALA A 53 -22.14 16.28 -8.08
N ALA A 54 -22.17 15.12 -8.73
CA ALA A 54 -22.74 13.93 -8.11
C ALA A 54 -21.86 13.41 -6.98
N ARG A 55 -20.54 13.55 -7.12
CA ARG A 55 -19.63 13.13 -6.06
C ARG A 55 -19.81 13.98 -4.81
N ASN A 56 -20.07 15.28 -4.97
CA ASN A 56 -20.37 16.15 -3.84
C ASN A 56 -21.85 16.20 -3.52
N GLY A 57 -22.68 15.46 -4.25
CA GLY A 57 -24.08 15.27 -3.91
C GLY A 57 -24.94 16.52 -3.95
N HIS A 58 -24.77 17.37 -4.94
CA HIS A 58 -25.57 18.58 -5.09
C HIS A 58 -26.63 18.31 -6.14
N ALA A 59 -27.88 18.20 -5.71
CA ALA A 59 -28.96 17.77 -6.59
C ALA A 59 -29.41 18.87 -7.55
N LYS A 60 -29.30 20.14 -7.14
CA LYS A 60 -29.83 21.22 -7.96
C LYS A 60 -29.03 21.39 -9.26
N VAL A 61 -27.70 21.38 -9.15
CA VAL A 61 -26.86 21.54 -10.34
C VAL A 61 -27.00 20.33 -11.26
N VAL A 62 -27.11 19.13 -10.69
CA VAL A 62 -27.30 17.93 -11.50
C VAL A 62 -28.64 17.97 -12.22
N ARG A 63 -29.70 18.41 -11.51
CA ARG A 63 -31.00 18.52 -12.14
C ARG A 63 -31.02 19.55 -13.26
N LEU A 64 -30.32 20.68 -13.06
CA LEU A 64 -30.24 21.68 -14.13
C LEU A 64 -29.45 21.17 -15.31
N LEU A 65 -28.38 20.41 -15.06
CA LEU A 65 -27.63 19.84 -16.18
C LEU A 65 -28.43 18.76 -16.91
N LEU A 66 -29.28 18.03 -16.20
CA LEU A 66 -30.06 16.96 -16.79
C LEU A 66 -31.38 17.44 -17.40
N GLU A 67 -31.81 18.67 -17.12
CA GLU A 67 -33.08 19.17 -17.62
C GLU A 67 -32.89 20.27 -18.67
N HIS A 68 -32.17 21.33 -18.32
CA HIS A 68 -32.10 22.49 -19.22
C HIS A 68 -31.02 22.36 -20.28
N TYR A 69 -30.13 21.36 -20.17
CA TYR A 69 -29.05 21.21 -21.13
C TYR A 69 -29.02 19.86 -21.83
N ARG A 70 -29.65 18.83 -21.24
CA ARG A 70 -29.66 17.46 -21.78
C ARG A 70 -28.25 16.92 -21.99
N VAL A 71 -27.40 17.10 -20.97
CA VAL A 71 -26.04 16.59 -21.02
C VAL A 71 -26.08 15.07 -20.96
N GLN A 72 -25.24 14.43 -21.77
CA GLN A 72 -25.17 12.97 -21.81
C GLN A 72 -24.70 12.43 -20.45
N THR A 73 -25.37 11.40 -19.97
CA THR A 73 -25.23 10.96 -18.58
C THR A 73 -24.33 9.73 -18.44
N GLN A 74 -23.65 9.31 -19.50
CA GLN A 74 -22.72 8.19 -19.44
C GLN A 74 -21.27 8.65 -19.53
N GLN A 75 -20.97 9.83 -18.98
CA GLN A 75 -19.62 10.36 -19.03
C GLN A 75 -18.68 9.54 -18.15
N THR A 76 -17.39 9.62 -18.47
CA THR A 76 -16.36 8.87 -17.77
C THR A 76 -15.47 9.82 -16.98
N GLY A 77 -14.82 9.27 -15.96
CA GLY A 77 -13.98 10.08 -15.10
C GLY A 77 -13.21 9.22 -14.14
N THR A 78 -12.71 9.86 -13.09
CA THR A 78 -11.88 9.22 -12.07
C THR A 78 -12.59 9.21 -10.72
N VAL A 79 -11.99 8.50 -9.77
CA VAL A 79 -12.56 8.29 -8.45
C VAL A 79 -11.50 8.64 -7.41
N ARG A 80 -11.87 9.49 -6.44
CA ARG A 80 -10.96 9.87 -5.37
C ARG A 80 -11.10 9.01 -4.12
N PHE A 81 -12.32 8.57 -3.81
CA PHE A 81 -12.57 7.84 -2.58
C PHE A 81 -12.19 6.37 -2.75
N ASP A 82 -12.61 5.52 -1.80
CA ASP A 82 -12.30 4.10 -1.74
C ASP A 82 -10.81 3.83 -1.62
N GLY A 83 -10.06 4.78 -1.07
CA GLY A 83 -8.64 4.61 -0.80
C GLY A 83 -7.73 4.68 -2.01
N TYR A 84 -8.25 4.45 -3.22
CA TYR A 84 -7.41 4.44 -4.41
C TYR A 84 -8.04 5.27 -5.52
N VAL A 85 -7.48 5.20 -6.72
CA VAL A 85 -7.98 5.92 -7.88
C VAL A 85 -8.53 4.89 -8.86
N ILE A 86 -9.81 5.04 -9.21
CA ILE A 86 -10.48 4.14 -10.15
C ILE A 86 -10.94 4.98 -11.34
N ASP A 87 -10.48 4.61 -12.53
CA ASP A 87 -10.84 5.31 -13.75
C ASP A 87 -12.00 4.60 -14.44
N GLY A 88 -12.46 5.18 -15.55
CA GLY A 88 -13.61 4.64 -16.24
C GLY A 88 -14.89 4.77 -15.47
N ALA A 89 -14.98 5.74 -14.57
CA ALA A 89 -16.10 5.85 -13.66
C ALA A 89 -17.33 6.39 -14.38
N THR A 90 -18.38 6.66 -13.62
CA THR A 90 -19.65 7.14 -14.17
C THR A 90 -20.22 8.13 -13.18
N ALA A 91 -21.06 9.04 -13.67
CA ALA A 91 -21.75 9.97 -12.78
C ALA A 91 -22.61 9.23 -11.77
N LEU A 92 -23.35 8.22 -12.23
CA LEU A 92 -24.15 7.41 -11.32
C LEU A 92 -23.26 6.63 -10.36
N TRP A 93 -22.12 6.15 -10.83
CA TRP A 93 -21.22 5.40 -9.97
C TRP A 93 -20.64 6.29 -8.88
N CYS A 94 -20.25 7.52 -9.23
CA CYS A 94 -19.74 8.44 -8.23
C CYS A 94 -20.84 8.88 -7.27
N ALA A 95 -22.07 9.01 -7.77
CA ALA A 95 -23.18 9.40 -6.90
C ALA A 95 -23.52 8.29 -5.91
N ALA A 96 -23.56 7.04 -6.38
CA ALA A 96 -23.90 5.91 -5.52
C ALA A 96 -22.75 5.49 -4.62
N GLY A 97 -21.53 5.94 -4.91
CA GLY A 97 -20.38 5.63 -4.09
C GLY A 97 -20.25 6.45 -2.84
N ALA A 98 -21.14 7.41 -2.63
CA ALA A 98 -21.12 8.22 -1.42
C ALA A 98 -22.46 8.27 -0.70
N GLY A 99 -23.52 7.71 -1.26
CA GLY A 99 -24.79 7.61 -0.58
C GLY A 99 -25.80 8.68 -0.89
N HIS A 100 -25.48 9.61 -1.80
CA HIS A 100 -26.41 10.68 -2.16
C HIS A 100 -27.54 10.08 -2.99
N PHE A 101 -28.71 9.91 -2.37
CA PHE A 101 -29.80 9.19 -3.00
C PHE A 101 -30.52 10.02 -4.06
N GLU A 102 -30.66 11.33 -3.83
CA GLU A 102 -31.48 12.15 -4.72
C GLU A 102 -30.83 12.30 -6.10
N VAL A 103 -29.50 12.46 -6.15
CA VAL A 103 -28.83 12.57 -7.43
C VAL A 103 -28.87 11.24 -8.18
N VAL A 104 -28.83 10.12 -7.44
CA VAL A 104 -28.98 8.81 -8.08
C VAL A 104 -30.37 8.67 -8.68
N LYS A 105 -31.39 9.10 -7.94
CA LYS A 105 -32.76 9.06 -8.45
C LYS A 105 -32.90 9.92 -9.71
N LEU A 106 -32.33 11.12 -9.68
CA LEU A 106 -32.40 12.01 -10.84
C LEU A 106 -31.67 11.42 -12.05
N LEU A 107 -30.48 10.86 -11.83
CA LEU A 107 -29.70 10.30 -12.94
C LEU A 107 -30.40 9.10 -13.55
N VAL A 108 -30.95 8.21 -12.73
CA VAL A 108 -31.64 7.04 -13.25
C VAL A 108 -32.94 7.46 -13.95
N SER A 109 -33.63 8.48 -13.42
CA SER A 109 -34.84 8.95 -14.04
C SER A 109 -34.60 9.75 -15.32
N HIS A 110 -33.38 10.23 -15.55
CA HIS A 110 -33.08 10.99 -16.76
C HIS A 110 -31.97 10.40 -17.61
N GLY A 111 -31.81 9.07 -17.62
CA GLY A 111 -31.07 8.45 -18.70
C GLY A 111 -29.71 7.87 -18.37
N ALA A 112 -29.36 7.76 -17.10
CA ALA A 112 -28.10 7.14 -16.76
C ALA A 112 -28.22 5.62 -16.86
N ASN A 113 -27.07 4.95 -16.90
CA ASN A 113 -27.01 3.50 -17.02
C ASN A 113 -26.76 2.90 -15.64
N VAL A 114 -27.64 1.99 -15.23
CA VAL A 114 -27.52 1.35 -13.93
C VAL A 114 -26.38 0.34 -13.90
N ASN A 115 -25.96 -0.19 -15.04
CA ASN A 115 -24.92 -1.22 -15.10
C ASN A 115 -23.62 -0.69 -15.69
N HIS A 116 -23.44 0.63 -15.72
CA HIS A 116 -22.24 1.21 -16.32
C HIS A 116 -21.04 0.94 -15.41
N THR A 117 -20.17 0.04 -15.85
CA THR A 117 -19.08 -0.45 -15.02
C THR A 117 -17.93 0.55 -15.00
N THR A 118 -16.79 0.14 -14.44
CA THR A 118 -15.57 0.94 -14.42
C THR A 118 -14.43 0.13 -15.00
N VAL A 119 -13.19 0.63 -14.84
CA VAL A 119 -12.03 -0.14 -15.27
C VAL A 119 -11.88 -1.43 -14.50
N THR A 120 -12.41 -1.48 -13.26
CA THR A 120 -12.42 -2.70 -12.47
C THR A 120 -13.76 -3.42 -12.54
N ASN A 121 -14.62 -3.03 -13.49
CA ASN A 121 -15.94 -3.63 -13.71
C ASN A 121 -16.84 -3.52 -12.48
N SER A 122 -16.69 -2.45 -11.72
CA SER A 122 -17.51 -2.23 -10.52
C SER A 122 -18.82 -1.57 -10.95
N THR A 123 -19.91 -2.31 -10.86
CA THR A 123 -21.22 -1.78 -11.17
C THR A 123 -21.62 -0.75 -10.10
N PRO A 124 -22.51 0.20 -10.45
CA PRO A 124 -23.00 1.14 -9.43
C PRO A 124 -23.66 0.47 -8.25
N LEU A 125 -24.26 -0.72 -8.43
CA LEU A 125 -24.81 -1.45 -7.30
C LEU A 125 -23.71 -1.85 -6.33
N ARG A 126 -22.53 -2.21 -6.85
CA ARG A 126 -21.42 -2.54 -5.96
C ARG A 126 -20.96 -1.33 -5.17
N ALA A 127 -20.95 -0.14 -5.80
CA ALA A 127 -20.58 1.07 -5.08
C ALA A 127 -21.62 1.42 -4.01
N ALA A 128 -22.90 1.27 -4.33
CA ALA A 128 -23.94 1.56 -3.36
C ALA A 128 -23.92 0.58 -2.19
N CYS A 129 -23.61 -0.69 -2.46
CA CYS A 129 -23.50 -1.66 -1.38
C CYS A 129 -22.24 -1.47 -0.57
N PHE A 130 -21.16 -1.00 -1.19
CA PHE A 130 -19.96 -0.66 -0.45
C PHE A 130 -20.18 0.55 0.46
N ASP A 131 -21.00 1.51 0.01
CA ASP A 131 -21.35 2.64 0.87
C ASP A 131 -22.19 2.17 2.06
N GLY A 132 -23.10 1.23 1.83
CA GLY A 132 -23.89 0.64 2.91
C GLY A 132 -25.32 1.10 2.99
N ARG A 133 -25.70 2.15 2.27
CA ARG A 133 -27.08 2.60 2.31
C ARG A 133 -28.00 1.58 1.67
N LEU A 134 -29.17 1.38 2.28
CA LEU A 134 -30.10 0.34 1.84
C LEU A 134 -31.13 0.86 0.84
N ASP A 135 -31.61 2.09 1.03
CA ASP A 135 -32.65 2.63 0.15
C ASP A 135 -32.15 2.77 -1.28
N ILE A 136 -30.91 3.24 -1.44
CA ILE A 136 -30.37 3.42 -2.78
C ILE A 136 -30.18 2.07 -3.47
N VAL A 137 -29.77 1.05 -2.71
CA VAL A 137 -29.62 -0.28 -3.28
C VAL A 137 -30.98 -0.84 -3.66
N LYS A 138 -32.00 -0.60 -2.85
CA LYS A 138 -33.35 -1.05 -3.18
C LYS A 138 -33.84 -0.42 -4.47
N TYR A 139 -33.67 0.90 -4.61
CA TYR A 139 -34.12 1.59 -5.81
C TYR A 139 -33.33 1.13 -7.03
N LEU A 140 -32.01 0.98 -6.88
CA LEU A 140 -31.17 0.60 -8.01
C LEU A 140 -31.48 -0.82 -8.45
N VAL A 141 -31.75 -1.73 -7.50
CA VAL A 141 -32.17 -3.07 -7.83
C VAL A 141 -33.53 -3.06 -8.52
N GLU A 142 -34.47 -2.25 -8.02
CA GLU A 142 -35.78 -2.14 -8.64
C GLU A 142 -35.70 -1.57 -10.05
N ASN A 143 -34.64 -0.84 -10.37
CA ASN A 143 -34.40 -0.39 -11.73
C ASN A 143 -33.41 -1.28 -12.48
N ASN A 144 -33.41 -2.58 -12.19
CA ASN A 144 -32.74 -3.63 -12.95
C ASN A 144 -31.23 -3.41 -13.01
N ALA A 145 -30.61 -3.51 -11.84
CA ALA A 145 -29.17 -3.29 -11.71
C ALA A 145 -28.33 -4.52 -12.02
N ASN A 146 -28.95 -5.67 -12.31
CA ASN A 146 -28.27 -6.93 -12.62
C ASN A 146 -27.33 -7.33 -11.47
N ILE A 147 -27.98 -7.69 -10.36
CA ILE A 147 -27.33 -7.93 -9.07
C ILE A 147 -26.22 -8.98 -9.10
N SER A 148 -26.16 -9.81 -10.15
CA SER A 148 -25.16 -10.87 -10.23
C SER A 148 -23.88 -10.43 -10.94
N ILE A 149 -23.76 -9.15 -11.29
CA ILE A 149 -22.60 -8.67 -12.02
C ILE A 149 -21.43 -8.54 -11.05
N ALA A 150 -20.31 -9.19 -11.38
CA ALA A 150 -19.12 -9.17 -10.54
C ALA A 150 -18.22 -8.00 -10.95
N ASN A 151 -17.00 -7.99 -10.44
CA ASN A 151 -16.01 -6.99 -10.80
C ASN A 151 -14.80 -7.67 -11.43
N LYS A 152 -13.73 -6.90 -11.64
CA LYS A 152 -12.51 -7.44 -12.23
C LYS A 152 -11.90 -8.54 -11.36
N TYR A 153 -11.91 -8.33 -10.04
CA TYR A 153 -11.44 -9.33 -9.10
C TYR A 153 -12.53 -10.33 -8.70
N ASP A 154 -13.63 -10.36 -9.46
CA ASP A 154 -14.75 -11.30 -9.32
C ASP A 154 -15.50 -11.15 -8.00
N ASN A 155 -15.24 -10.07 -7.24
CA ASN A 155 -16.01 -9.79 -6.03
C ASN A 155 -17.39 -9.33 -6.45
N THR A 156 -18.41 -10.14 -6.19
CA THR A 156 -19.76 -9.84 -6.65
C THR A 156 -20.39 -8.78 -5.75
N CYS A 157 -21.69 -8.55 -5.93
CA CYS A 157 -22.37 -7.51 -5.18
C CYS A 157 -22.52 -7.88 -3.72
N LEU A 158 -22.71 -9.17 -3.42
CA LEU A 158 -22.95 -9.62 -2.06
C LEU A 158 -21.69 -9.65 -1.21
N MET A 159 -20.54 -9.98 -1.82
CA MET A 159 -19.34 -10.22 -1.03
C MET A 159 -18.79 -8.95 -0.41
N ILE A 160 -18.82 -7.84 -1.16
CA ILE A 160 -18.33 -6.57 -0.62
C ILE A 160 -19.22 -6.09 0.52
N ALA A 161 -20.53 -6.27 0.39
CA ALA A 161 -21.44 -5.88 1.47
C ALA A 161 -21.26 -6.78 2.69
N ALA A 162 -21.02 -8.07 2.46
CA ALA A 162 -20.78 -8.98 3.57
C ALA A 162 -19.49 -8.63 4.30
N TYR A 163 -18.43 -8.30 3.55
CA TYR A 163 -17.17 -7.92 4.18
C TYR A 163 -17.30 -6.60 4.94
N LYS A 164 -18.01 -5.64 4.36
CA LYS A 164 -18.16 -4.34 5.01
C LYS A 164 -19.16 -4.39 6.17
N GLY A 165 -19.93 -5.46 6.30
CA GLY A 165 -20.75 -5.65 7.48
C GLY A 165 -22.12 -5.01 7.43
N HIS A 166 -22.64 -4.68 6.26
CA HIS A 166 -23.96 -4.09 6.15
C HIS A 166 -24.98 -5.21 6.10
N THR A 167 -25.58 -5.52 7.25
CA THR A 167 -26.49 -6.66 7.33
C THR A 167 -27.80 -6.40 6.58
N ASP A 168 -28.27 -5.15 6.57
CA ASP A 168 -29.48 -4.85 5.81
C ASP A 168 -29.25 -5.04 4.32
N VAL A 169 -28.07 -4.67 3.83
CA VAL A 169 -27.77 -4.78 2.41
C VAL A 169 -27.70 -6.25 1.99
N VAL A 170 -27.01 -7.08 2.78
CA VAL A 170 -26.92 -8.49 2.42
C VAL A 170 -28.27 -9.18 2.58
N ARG A 171 -29.08 -8.73 3.56
CA ARG A 171 -30.42 -9.28 3.71
C ARG A 171 -31.29 -8.97 2.49
N TYR A 172 -31.22 -7.73 2.01
CA TYR A 172 -31.98 -7.37 0.82
C TYR A 172 -31.46 -8.10 -0.42
N LEU A 173 -30.14 -8.23 -0.54
CA LEU A 173 -29.57 -8.90 -1.70
C LEU A 173 -29.97 -10.36 -1.75
N LEU A 174 -29.91 -11.05 -0.61
CA LEU A 174 -30.37 -12.42 -0.56
C LEU A 174 -31.89 -12.51 -0.70
N GLU A 175 -32.61 -11.45 -0.36
CA GLU A 175 -34.05 -11.42 -0.61
C GLU A 175 -34.36 -11.36 -2.10
N GLN A 176 -33.52 -10.67 -2.88
CA GLN A 176 -33.77 -10.44 -4.29
C GLN A 176 -33.14 -11.50 -5.18
N ARG A 177 -32.91 -12.71 -4.64
CA ARG A 177 -32.38 -13.85 -5.40
C ARG A 177 -31.01 -13.54 -6.01
N ALA A 178 -30.06 -13.23 -5.13
CA ALA A 178 -28.67 -13.05 -5.53
C ALA A 178 -27.99 -14.41 -5.59
N ASP A 179 -26.67 -14.41 -5.67
CA ASP A 179 -25.91 -15.66 -5.69
C ASP A 179 -25.17 -15.82 -4.37
N PRO A 180 -25.69 -16.61 -3.42
CA PRO A 180 -24.96 -16.82 -2.17
C PRO A 180 -23.79 -17.77 -2.31
N ASN A 181 -23.79 -18.64 -3.32
CA ASN A 181 -22.66 -19.51 -3.61
C ASN A 181 -21.72 -18.88 -4.62
N ALA A 182 -21.30 -17.64 -4.34
CA ALA A 182 -20.44 -16.91 -5.24
C ALA A 182 -19.01 -17.43 -5.16
N LYS A 183 -18.17 -16.91 -6.05
CA LYS A 183 -16.74 -17.23 -6.06
C LYS A 183 -15.96 -15.97 -6.38
N ALA A 184 -14.65 -16.03 -6.15
CA ALA A 184 -13.75 -14.92 -6.48
C ALA A 184 -12.43 -15.52 -6.94
N HIS A 185 -11.45 -14.64 -7.17
CA HIS A 185 -10.11 -15.10 -7.54
C HIS A 185 -9.45 -15.84 -6.38
N CYS A 186 -9.66 -15.37 -5.15
CA CYS A 186 -9.15 -16.05 -3.97
C CYS A 186 -10.05 -17.20 -3.52
N GLY A 187 -11.17 -17.43 -4.22
CA GLY A 187 -12.07 -18.50 -3.87
C GLY A 187 -13.09 -18.17 -2.81
N ALA A 188 -13.11 -16.93 -2.32
CA ALA A 188 -14.06 -16.55 -1.28
C ALA A 188 -15.49 -16.63 -1.79
N THR A 189 -16.39 -17.13 -0.95
CA THR A 189 -17.76 -17.40 -1.34
C THR A 189 -18.76 -16.56 -0.56
N ALA A 190 -18.43 -15.28 -0.34
CA ALA A 190 -19.22 -14.26 0.33
C ALA A 190 -19.45 -14.55 1.79
N LEU A 191 -19.00 -15.71 2.29
CA LEU A 191 -19.03 -16.05 3.70
C LEU A 191 -17.64 -16.09 4.31
N HIS A 192 -16.61 -16.30 3.48
CA HIS A 192 -15.24 -16.09 3.93
C HIS A 192 -15.01 -14.64 4.31
N PHE A 193 -15.57 -13.71 3.52
CA PHE A 193 -15.40 -12.30 3.83
C PHE A 193 -16.12 -11.91 5.13
N ALA A 194 -17.33 -12.42 5.33
CA ALA A 194 -18.07 -12.10 6.55
C ALA A 194 -17.38 -12.70 7.78
N ALA A 195 -16.85 -13.92 7.65
CA ALA A 195 -16.15 -14.54 8.77
C ALA A 195 -14.83 -13.82 9.05
N GLU A 196 -14.12 -13.42 7.99
CA GLU A 196 -12.87 -12.69 8.18
C GLU A 196 -13.11 -11.33 8.84
N ALA A 197 -14.17 -10.64 8.44
CA ALA A 197 -14.51 -9.36 9.06
C ALA A 197 -15.22 -9.53 10.39
N GLY A 198 -15.57 -10.76 10.77
CA GLY A 198 -16.15 -11.02 12.08
C GLY A 198 -17.52 -10.43 12.31
N HIS A 199 -18.41 -10.55 11.34
CA HIS A 199 -19.77 -10.02 11.45
C HIS A 199 -20.72 -11.18 11.69
N ILE A 200 -21.33 -11.20 12.88
CA ILE A 200 -22.16 -12.33 13.26
C ILE A 200 -23.50 -12.31 12.50
N ASP A 201 -24.05 -11.11 12.26
CA ASP A 201 -25.37 -11.01 11.66
C ASP A 201 -25.37 -11.43 10.20
N ILE A 202 -24.36 -11.01 9.44
CA ILE A 202 -24.27 -11.36 8.03
C ILE A 202 -23.99 -12.85 7.87
N VAL A 203 -23.18 -13.41 8.77
CA VAL A 203 -22.95 -14.86 8.76
C VAL A 203 -24.26 -15.60 9.03
N LYS A 204 -25.05 -15.12 9.99
CA LYS A 204 -26.34 -15.75 10.27
C LYS A 204 -27.28 -15.65 9.07
N GLU A 205 -27.31 -14.49 8.42
CA GLU A 205 -28.18 -14.31 7.26
C GLU A 205 -27.77 -15.21 6.11
N LEU A 206 -26.47 -15.35 5.87
CA LEU A 206 -26.01 -16.20 4.78
C LEU A 206 -26.25 -17.67 5.10
N ILE A 207 -26.08 -18.07 6.36
CA ILE A 207 -26.37 -19.45 6.76
C ILE A 207 -27.84 -19.75 6.58
N LYS A 208 -28.71 -18.82 6.98
CA LYS A 208 -30.15 -18.99 6.80
C LYS A 208 -30.55 -19.04 5.33
N TRP A 209 -29.74 -18.49 4.45
CA TRP A 209 -30.07 -18.41 3.03
C TRP A 209 -29.36 -19.47 2.19
N ARG A 210 -29.03 -20.61 2.82
CA ARG A 210 -28.44 -21.78 2.15
C ARG A 210 -27.12 -21.42 1.46
N ALA A 211 -26.15 -21.01 2.28
CA ALA A 211 -24.82 -20.72 1.77
C ALA A 211 -24.08 -22.01 1.46
N ALA A 212 -23.00 -21.87 0.70
CA ALA A 212 -22.14 -22.99 0.35
C ALA A 212 -20.91 -22.96 1.25
N ILE A 213 -20.82 -23.92 2.16
CA ILE A 213 -19.69 -23.99 3.09
C ILE A 213 -18.60 -24.81 2.39
N VAL A 214 -17.86 -24.14 1.52
CA VAL A 214 -16.88 -24.80 0.66
C VAL A 214 -15.54 -24.11 0.84
N VAL A 215 -14.47 -24.92 0.82
CA VAL A 215 -13.12 -24.40 1.01
C VAL A 215 -12.73 -23.50 -0.15
N ASN A 216 -12.03 -22.41 0.16
CA ASN A 216 -11.61 -21.45 -0.86
C ASN A 216 -10.29 -21.90 -1.48
N GLY A 217 -9.66 -21.00 -2.24
CA GLY A 217 -8.42 -21.35 -2.91
C GLY A 217 -7.25 -21.57 -1.95
N HIS A 218 -7.19 -20.77 -0.87
CA HIS A 218 -6.09 -20.86 0.07
C HIS A 218 -6.25 -21.99 1.08
N GLY A 219 -7.13 -22.94 0.83
CA GLY A 219 -7.31 -24.08 1.71
C GLY A 219 -7.87 -23.74 3.07
N MET A 220 -8.89 -22.88 3.12
CA MET A 220 -9.46 -22.43 4.40
C MET A 220 -10.96 -22.25 4.24
N THR A 221 -11.73 -23.10 4.91
CA THR A 221 -13.18 -22.93 4.96
C THR A 221 -13.52 -21.68 5.77
N PRO A 222 -14.73 -21.13 5.60
CA PRO A 222 -15.12 -19.97 6.42
C PRO A 222 -15.08 -20.25 7.91
N LEU A 223 -15.34 -21.49 8.33
CA LEU A 223 -15.16 -21.85 9.73
C LEU A 223 -13.69 -21.73 10.14
N LYS A 224 -12.78 -22.26 9.31
CA LYS A 224 -11.35 -22.14 9.60
C LYS A 224 -10.87 -20.70 9.44
N VAL A 225 -11.50 -19.93 8.55
CA VAL A 225 -11.16 -18.52 8.43
C VAL A 225 -11.54 -17.77 9.71
N ALA A 226 -12.71 -18.08 10.26
CA ALA A 226 -13.13 -17.43 11.51
C ALA A 226 -12.25 -17.88 12.67
N ALA A 227 -11.88 -19.15 12.72
CA ALA A 227 -10.99 -19.63 13.77
C ALA A 227 -9.58 -19.07 13.62
N GLU A 228 -9.19 -18.70 12.40
CA GLU A 228 -7.88 -18.12 12.17
C GLU A 228 -7.79 -16.71 12.76
N SER A 229 -8.90 -15.98 12.77
CA SER A 229 -8.92 -14.59 13.22
C SER A 229 -9.49 -14.42 14.62
N CYS A 230 -9.52 -15.50 15.41
CA CYS A 230 -9.94 -15.48 16.81
C CYS A 230 -11.39 -15.06 17.00
N LYS A 231 -12.21 -15.21 15.96
CA LYS A 231 -13.61 -14.80 16.05
C LYS A 231 -14.40 -15.94 16.68
N ALA A 232 -14.55 -15.89 18.00
CA ALA A 232 -15.26 -16.95 18.71
C ALA A 232 -16.72 -17.05 18.34
N ASP A 233 -17.41 -15.91 18.19
CA ASP A 233 -18.83 -15.90 17.83
C ASP A 233 -19.10 -16.45 16.44
N VAL A 234 -18.26 -16.09 15.45
CA VAL A 234 -18.45 -16.62 14.10
C VAL A 234 -18.19 -18.12 14.07
N VAL A 235 -17.18 -18.58 14.81
CA VAL A 235 -16.91 -20.01 14.91
C VAL A 235 -18.09 -20.73 15.56
N GLU A 236 -18.64 -20.16 16.63
CA GLU A 236 -19.77 -20.79 17.30
C GLU A 236 -20.99 -20.86 16.39
N LEU A 237 -21.21 -19.84 15.58
CA LEU A 237 -22.35 -19.86 14.68
C LEU A 237 -22.14 -20.84 13.52
N LEU A 238 -20.96 -20.84 12.92
CA LEU A 238 -20.70 -21.73 11.80
C LEU A 238 -20.53 -23.18 12.24
N LEU A 239 -20.30 -23.41 13.54
CA LEU A 239 -20.05 -24.76 14.03
C LEU A 239 -21.33 -25.53 14.27
N SER A 240 -22.48 -24.86 14.25
CA SER A 240 -23.80 -25.50 14.34
C SER A 240 -24.48 -25.55 12.98
N HIS A 241 -23.69 -25.75 11.92
CA HIS A 241 -24.22 -25.77 10.56
C HIS A 241 -24.77 -27.14 10.16
N ALA A 242 -24.68 -28.13 11.04
CA ALA A 242 -25.22 -29.48 10.85
C ALA A 242 -24.61 -30.22 9.66
N ASP A 243 -23.47 -29.73 9.13
CA ASP A 243 -22.75 -30.47 8.10
C ASP A 243 -21.24 -30.36 8.32
N CYS A 244 -20.80 -30.04 9.54
CA CYS A 244 -19.39 -29.89 9.85
C CYS A 244 -18.72 -31.20 10.24
N ASP A 245 -19.48 -32.28 10.34
CA ASP A 245 -19.00 -33.62 10.74
C ASP A 245 -18.37 -33.49 12.13
N ARG A 246 -17.32 -34.27 12.40
CA ARG A 246 -16.64 -34.21 13.68
C ARG A 246 -15.18 -33.83 13.59
N ARG A 247 -14.49 -34.17 12.50
CA ARG A 247 -13.10 -33.76 12.36
C ARG A 247 -12.99 -32.24 12.25
N SER A 248 -13.87 -31.63 11.46
CA SER A 248 -13.76 -30.19 11.23
C SER A 248 -14.12 -29.39 12.46
N ARG A 249 -15.00 -29.92 13.32
CA ARG A 249 -15.34 -29.22 14.55
C ARG A 249 -14.13 -29.12 15.48
N ILE A 250 -13.46 -30.26 15.71
CA ILE A 250 -12.29 -30.25 16.58
C ILE A 250 -11.14 -29.50 15.93
N GLU A 251 -11.02 -29.57 14.61
CA GLU A 251 -9.99 -28.77 13.94
C GLU A 251 -10.24 -27.27 14.11
N ALA A 252 -11.51 -26.86 14.03
CA ALA A 252 -11.85 -25.46 14.24
C ALA A 252 -11.54 -25.04 15.67
N LEU A 253 -11.90 -25.88 16.65
CA LEU A 253 -11.60 -25.54 18.04
C LEU A 253 -10.11 -25.45 18.30
N GLU A 254 -9.33 -26.39 17.75
CA GLU A 254 -7.89 -26.36 17.90
C GLU A 254 -7.29 -25.10 17.27
N LEU A 255 -7.76 -24.76 16.08
CA LEU A 255 -7.24 -23.57 15.40
C LEU A 255 -7.61 -22.30 16.14
N LEU A 256 -8.83 -22.23 16.68
CA LEU A 256 -9.26 -21.05 17.43
C LEU A 256 -8.44 -20.90 18.71
N GLY A 257 -8.24 -21.99 19.44
CA GLY A 257 -7.41 -21.93 20.62
C GLY A 257 -5.97 -21.57 20.30
N ALA A 258 -5.45 -22.09 19.21
CA ALA A 258 -4.08 -21.77 18.79
C ALA A 258 -3.96 -20.31 18.41
N SER A 259 -4.95 -19.76 17.72
CA SER A 259 -4.90 -18.38 17.29
C SER A 259 -5.03 -17.42 18.46
N PHE A 260 -5.78 -17.80 19.49
CA PHE A 260 -5.90 -16.94 20.65
C PHE A 260 -4.59 -16.75 21.41
N ALA A 261 -3.62 -17.64 21.19
CA ALA A 261 -2.39 -17.63 21.99
C ALA A 261 -1.42 -16.53 21.58
N ASN A 262 -1.42 -16.11 20.33
CA ASN A 262 -0.42 -15.17 19.88
C ASN A 262 -0.99 -14.13 18.92
N ASP A 263 -2.26 -13.77 19.09
CA ASP A 263 -2.87 -12.71 18.32
C ASP A 263 -2.78 -11.41 19.11
N ARG A 264 -2.31 -10.34 18.46
CA ARG A 264 -2.07 -9.09 19.16
C ARG A 264 -3.36 -8.48 19.70
N GLU A 265 -4.43 -8.53 18.90
CA GLU A 265 -5.69 -7.92 19.31
C GLU A 265 -6.40 -8.77 20.36
N ASN A 266 -6.39 -10.10 20.19
CA ASN A 266 -7.20 -11.00 20.98
C ASN A 266 -6.35 -11.93 21.83
N TYR A 267 -5.28 -11.41 22.44
CA TYR A 267 -4.40 -12.25 23.24
C TYR A 267 -5.11 -12.65 24.53
N ASP A 268 -5.37 -13.95 24.68
CA ASP A 268 -5.94 -14.50 25.90
C ASP A 268 -5.48 -15.94 26.02
N ILE A 269 -4.54 -16.20 26.92
CA ILE A 269 -3.92 -17.52 26.97
C ILE A 269 -4.75 -18.49 27.79
N ILE A 270 -5.57 -18.00 28.72
CA ILE A 270 -6.54 -18.85 29.40
C ILE A 270 -7.55 -19.38 28.41
N LYS A 271 -8.03 -18.52 27.50
CA LYS A 271 -8.91 -18.95 26.43
C LYS A 271 -8.23 -19.96 25.53
N THR A 272 -6.93 -19.77 25.27
CA THR A 272 -6.18 -20.72 24.46
C THR A 272 -6.15 -22.10 25.10
N TYR A 273 -5.77 -22.16 26.38
CA TYR A 273 -5.71 -23.45 27.05
C TYR A 273 -7.09 -24.09 27.12
N HIS A 274 -8.13 -23.30 27.39
CA HIS A 274 -9.45 -23.90 27.53
C HIS A 274 -10.03 -24.37 26.20
N TYR A 275 -9.76 -23.66 25.11
CA TYR A 275 -10.23 -24.14 23.82
C TYR A 275 -9.46 -25.37 23.37
N LEU A 276 -8.14 -25.39 23.60
CA LEU A 276 -7.38 -26.59 23.30
C LEU A 276 -7.85 -27.76 24.15
N TYR A 277 -8.20 -27.51 25.41
CA TYR A 277 -8.67 -28.56 26.30
C TYR A 277 -10.05 -29.07 25.88
N LEU A 278 -10.92 -28.17 25.43
CA LEU A 278 -12.21 -28.61 24.90
C LEU A 278 -12.02 -29.47 23.66
N ALA A 279 -11.11 -29.07 22.79
CA ALA A 279 -10.82 -29.88 21.60
C ALA A 279 -10.26 -31.24 21.98
N MET A 280 -9.38 -31.29 22.98
CA MET A 280 -8.81 -32.56 23.39
C MET A 280 -9.85 -33.44 24.07
N LEU A 281 -10.78 -32.85 24.82
CA LEU A 281 -11.87 -33.64 25.40
C LEU A 281 -12.76 -34.22 24.30
N GLU A 282 -13.08 -33.42 23.29
CA GLU A 282 -13.90 -33.91 22.19
C GLU A 282 -13.18 -34.99 21.39
N ARG A 283 -11.85 -34.90 21.31
CA ARG A 283 -11.08 -36.00 20.72
C ARG A 283 -11.16 -37.24 21.60
N PHE A 284 -10.87 -37.09 22.89
CA PHE A 284 -10.85 -38.20 23.85
C PHE A 284 -12.19 -38.33 24.56
N GLN A 285 -13.28 -38.30 23.80
CA GLN A 285 -14.60 -38.57 24.35
C GLN A 285 -15.14 -39.94 23.97
N ASP A 286 -14.48 -40.65 23.05
CA ASP A 286 -14.93 -41.97 22.62
C ASP A 286 -13.90 -43.01 23.04
N GLY A 287 -14.38 -44.18 23.46
CA GLY A 287 -13.48 -45.25 23.82
C GLY A 287 -12.72 -45.82 22.63
N ASP A 288 -13.43 -46.02 21.51
CA ASP A 288 -12.84 -46.68 20.35
C ASP A 288 -12.73 -45.77 19.14
N ASN A 289 -13.16 -44.51 19.24
CA ASN A 289 -13.02 -43.57 18.13
C ASN A 289 -12.27 -42.35 18.59
N ILE A 290 -11.14 -42.56 19.27
CA ILE A 290 -10.28 -41.45 19.67
C ILE A 290 -9.72 -40.81 18.41
N LEU A 291 -10.18 -39.61 18.09
CA LEU A 291 -9.70 -38.90 16.91
C LEU A 291 -8.29 -38.41 17.22
N GLU A 292 -7.34 -39.33 17.12
CA GLU A 292 -5.97 -39.07 17.53
C GLU A 292 -5.33 -38.00 16.63
N LYS A 293 -4.56 -37.12 17.25
CA LYS A 293 -3.96 -36.01 16.54
C LYS A 293 -2.94 -36.50 15.51
N GLU A 294 -2.85 -35.76 14.40
CA GLU A 294 -1.87 -36.05 13.38
C GLU A 294 -0.47 -35.82 13.93
N VAL A 295 0.43 -36.78 13.69
CA VAL A 295 1.78 -36.68 14.21
C VAL A 295 2.53 -35.59 13.47
N LEU A 296 3.26 -34.76 14.22
CA LEU A 296 4.02 -33.68 13.64
C LEU A 296 5.50 -33.83 13.98
N PRO A 297 6.39 -33.62 13.02
CA PRO A 297 7.82 -33.58 13.34
C PRO A 297 8.12 -32.43 14.28
N PRO A 298 9.01 -32.63 15.25
CA PRO A 298 9.34 -31.56 16.18
C PRO A 298 10.15 -30.46 15.52
N ILE A 299 9.52 -29.31 15.28
CA ILE A 299 10.20 -28.20 14.63
C ILE A 299 11.17 -27.58 15.63
N HIS A 300 12.42 -27.37 15.18
CA HIS A 300 13.42 -26.77 16.06
C HIS A 300 13.08 -25.33 16.40
N ALA A 301 12.30 -24.66 15.55
CA ALA A 301 11.98 -23.25 15.75
C ALA A 301 11.12 -23.01 16.99
N TYR A 302 10.45 -24.04 17.51
CA TYR A 302 9.55 -23.90 18.65
C TYR A 302 10.07 -24.64 19.87
N GLY A 303 11.40 -24.65 20.04
CA GLY A 303 11.98 -25.33 21.17
C GLY A 303 11.86 -26.84 21.12
N ASN A 304 11.74 -27.40 19.90
CA ASN A 304 11.59 -28.83 19.66
C ASN A 304 10.36 -29.41 20.33
N ARG A 305 9.37 -28.58 20.64
CA ARG A 305 8.14 -29.07 21.24
C ARG A 305 7.27 -29.75 20.19
N THR A 306 6.64 -30.84 20.58
CA THR A 306 5.67 -31.51 19.73
C THR A 306 4.26 -31.13 20.17
N GLU A 307 3.32 -31.33 19.25
CA GLU A 307 1.92 -31.08 19.56
C GLU A 307 1.44 -32.07 20.61
N CYS A 308 0.59 -31.60 21.53
CA CYS A 308 0.09 -32.47 22.57
C CYS A 308 -0.84 -33.53 21.99
N ARG A 309 -0.67 -34.77 22.44
CA ARG A 309 -1.47 -35.88 21.93
C ARG A 309 -2.61 -36.29 22.85
N ASN A 310 -2.48 -36.09 24.15
CA ASN A 310 -3.49 -36.51 25.11
C ASN A 310 -3.78 -35.38 26.08
N PRO A 311 -4.97 -35.35 26.70
CA PRO A 311 -5.25 -34.32 27.70
C PRO A 311 -4.35 -34.36 28.92
N GLN A 312 -3.71 -35.51 29.20
CA GLN A 312 -2.76 -35.56 30.31
C GLN A 312 -1.58 -34.64 30.05
N GLU A 313 -1.13 -34.54 28.79
CA GLU A 313 -0.06 -33.62 28.45
C GLU A 313 -0.54 -32.18 28.51
N LEU A 314 -1.76 -31.91 28.06
CA LEU A 314 -2.26 -30.54 28.05
C LEU A 314 -2.51 -30.01 29.45
N GLU A 315 -2.87 -30.89 30.39
CA GLU A 315 -3.03 -30.47 31.77
C GLU A 315 -1.72 -30.02 32.40
N SER A 316 -0.58 -30.45 31.85
CA SER A 316 0.72 -30.10 32.41
C SER A 316 1.28 -28.80 31.86
N ILE A 317 0.65 -28.19 30.86
CA ILE A 317 1.10 -26.91 30.34
C ILE A 317 0.01 -25.85 30.47
N ARG A 318 -0.96 -26.06 31.36
CA ARG A 318 -1.99 -25.04 31.58
C ARG A 318 -1.43 -23.80 32.25
N GLN A 319 -0.28 -23.90 32.91
CA GLN A 319 0.37 -22.77 33.55
C GLN A 319 1.66 -22.36 32.88
N ASP A 320 2.10 -23.10 31.86
CA ASP A 320 3.35 -22.79 31.15
C ASP A 320 2.99 -21.90 29.97
N ARG A 321 2.95 -20.59 30.22
CA ARG A 321 2.53 -19.63 29.21
C ARG A 321 3.49 -19.59 28.03
N ASP A 322 4.79 -19.58 28.30
CA ASP A 322 5.77 -19.62 27.22
C ASP A 322 5.77 -20.93 26.46
N ALA A 323 5.15 -21.97 27.02
CA ALA A 323 4.90 -23.20 26.28
C ALA A 323 3.55 -23.18 25.58
N LEU A 324 2.57 -22.47 26.12
CA LEU A 324 1.28 -22.36 25.45
C LEU A 324 1.39 -21.51 24.18
N HIS A 325 2.29 -20.52 24.17
CA HIS A 325 2.53 -19.80 22.93
C HIS A 325 3.08 -20.71 21.84
N MET A 326 4.03 -21.57 22.21
CA MET A 326 4.58 -22.53 21.25
C MET A 326 3.53 -23.55 20.82
N GLU A 327 2.67 -23.97 21.75
CA GLU A 327 1.59 -24.88 21.39
C GLU A 327 0.63 -24.24 20.40
N GLY A 328 0.30 -22.96 20.61
CA GLY A 328 -0.52 -22.25 19.65
C GLY A 328 0.13 -22.16 18.28
N LEU A 329 1.43 -21.84 18.25
CA LEU A 329 2.14 -21.78 16.98
C LEU A 329 2.14 -23.14 16.29
N ILE A 330 2.40 -24.21 17.04
CA ILE A 330 2.47 -25.55 16.47
C ILE A 330 1.12 -25.98 15.92
N VAL A 331 0.05 -25.75 16.70
CA VAL A 331 -1.27 -26.20 16.29
C VAL A 331 -1.74 -25.42 15.07
N ARG A 332 -1.55 -24.10 15.07
CA ARG A 332 -2.03 -23.34 13.92
C ARG A 332 -1.15 -23.55 12.68
N GLU A 333 0.11 -23.93 12.85
CA GLU A 333 0.89 -24.27 11.67
C GLU A 333 0.54 -25.66 11.13
N ARG A 334 0.20 -26.60 12.02
CA ARG A 334 -0.28 -27.89 11.55
C ARG A 334 -1.60 -27.76 10.82
N ILE A 335 -2.49 -26.91 11.33
CA ILE A 335 -3.83 -26.80 10.76
C ILE A 335 -3.82 -25.95 9.49
N LEU A 336 -3.23 -24.75 9.56
CA LEU A 336 -3.22 -23.88 8.40
C LEU A 336 -2.26 -24.37 7.32
N GLY A 337 -1.25 -25.13 7.70
CA GLY A 337 -0.23 -25.57 6.76
C GLY A 337 0.89 -24.56 6.63
N ALA A 338 2.02 -25.04 6.12
CA ALA A 338 3.19 -24.18 5.98
C ALA A 338 3.05 -23.20 4.82
N ASP A 339 2.20 -23.49 3.84
CA ASP A 339 2.07 -22.66 2.66
C ASP A 339 0.95 -21.63 2.75
N ASN A 340 0.28 -21.53 3.89
CA ASN A 340 -0.80 -20.57 4.03
C ASN A 340 -0.24 -19.16 4.22
N ILE A 341 -1.06 -18.17 3.85
CA ILE A 341 -0.63 -16.77 3.91
C ILE A 341 -0.51 -16.30 5.36
N ASP A 342 -1.50 -16.63 6.19
CA ASP A 342 -1.64 -16.05 7.52
C ASP A 342 -0.96 -16.86 8.61
N VAL A 343 0.11 -17.58 8.28
CA VAL A 343 0.89 -18.31 9.27
C VAL A 343 2.08 -17.49 9.76
N SER A 344 2.70 -16.73 8.86
CA SER A 344 3.91 -15.99 9.22
C SER A 344 3.63 -14.86 10.21
N HIS A 345 2.42 -14.30 10.18
CA HIS A 345 2.15 -13.12 11.02
C HIS A 345 2.20 -13.42 12.51
N PRO A 346 1.57 -14.48 13.05
CA PRO A 346 1.76 -14.76 14.49
C PRO A 346 3.18 -15.15 14.84
N ILE A 347 3.86 -15.91 13.97
CA ILE A 347 5.23 -16.33 14.25
C ILE A 347 6.13 -15.13 14.41
N ILE A 348 5.89 -14.08 13.63
CA ILE A 348 6.61 -12.83 13.80
C ILE A 348 6.28 -12.21 15.15
N TYR A 349 4.98 -12.16 15.49
CA TYR A 349 4.57 -11.46 16.71
C TYR A 349 5.11 -12.15 17.95
N ARG A 350 5.04 -13.49 18.01
CA ARG A 350 5.64 -14.22 19.11
C ARG A 350 7.14 -14.02 19.14
N GLY A 351 7.76 -13.78 17.99
CA GLY A 351 9.14 -13.34 18.00
C GLY A 351 9.30 -11.97 18.61
N ALA A 352 8.42 -11.04 18.22
CA ALA A 352 8.60 -9.63 18.58
C ALA A 352 8.56 -9.41 20.08
N VAL A 353 7.63 -10.08 20.77
CA VAL A 353 7.57 -9.96 22.23
C VAL A 353 8.83 -10.55 22.86
N TYR A 354 9.37 -11.63 22.27
CA TYR A 354 10.65 -12.13 22.74
C TYR A 354 11.77 -11.14 22.46
N ALA A 355 11.64 -10.34 21.40
CA ALA A 355 12.59 -9.25 21.20
C ALA A 355 12.39 -8.14 22.20
N ASP A 356 11.18 -7.99 22.75
CA ASP A 356 10.95 -6.93 23.73
C ASP A 356 11.58 -7.27 25.07
N ASN A 357 11.47 -8.51 25.51
CA ASN A 357 11.98 -8.90 26.82
C ASN A 357 13.41 -9.41 26.76
N MET A 358 14.27 -8.70 26.04
CA MET A 358 15.71 -8.95 25.92
C MET A 358 16.08 -10.42 25.80
N GLU A 359 15.31 -11.17 25.01
CA GLU A 359 15.45 -12.62 24.89
C GLU A 359 15.59 -12.99 23.41
N PHE A 360 16.53 -12.31 22.74
CA PHE A 360 16.64 -12.29 21.29
C PHE A 360 16.94 -13.64 20.66
N GLU A 361 17.39 -14.62 21.43
CA GLU A 361 17.68 -15.93 20.84
C GLU A 361 16.40 -16.59 20.32
N GLN A 362 15.37 -16.64 21.15
CA GLN A 362 14.10 -17.20 20.71
C GLN A 362 13.42 -16.30 19.67
N CYS A 363 13.67 -14.99 19.74
CA CYS A 363 13.15 -14.08 18.71
C CYS A 363 13.73 -14.43 17.35
N ILE A 364 15.05 -14.64 17.28
CA ILE A 364 15.68 -15.05 16.04
C ILE A 364 15.17 -16.42 15.61
N LYS A 365 15.00 -17.33 16.57
CA LYS A 365 14.54 -18.67 16.24
C LYS A 365 13.15 -18.66 15.60
N LEU A 366 12.24 -17.84 16.12
CA LEU A 366 10.91 -17.74 15.53
C LEU A 366 10.93 -16.95 14.23
N TRP A 367 11.66 -15.84 14.20
CA TRP A 367 11.62 -14.97 13.03
C TRP A 367 12.29 -15.61 11.83
N LEU A 368 13.29 -16.46 12.03
CA LEU A 368 13.90 -17.16 10.91
C LEU A 368 12.94 -18.14 10.28
N HIS A 369 12.17 -18.86 11.10
CA HIS A 369 11.16 -19.76 10.56
C HIS A 369 10.06 -18.99 9.84
N ALA A 370 9.65 -17.85 10.41
CA ALA A 370 8.65 -17.02 9.73
C ALA A 370 9.18 -16.51 8.40
N LEU A 371 10.45 -16.09 8.37
CA LEU A 371 11.06 -15.63 7.14
C LEU A 371 11.18 -16.73 6.10
N HIS A 372 11.53 -17.95 6.52
CA HIS A 372 11.59 -19.05 5.59
C HIS A 372 10.22 -19.40 5.03
N LEU A 373 9.20 -19.40 5.89
CA LEU A 373 7.84 -19.70 5.43
C LEU A 373 7.33 -18.64 4.48
N ARG A 374 7.65 -17.36 4.75
CA ARG A 374 7.23 -16.31 3.84
C ARG A 374 8.06 -16.30 2.56
N GLN A 375 9.30 -16.80 2.63
CA GLN A 375 10.15 -16.86 1.46
C GLN A 375 9.70 -17.96 0.49
N LYS A 376 9.38 -19.14 1.01
CA LYS A 376 8.90 -20.20 0.12
C LYS A 376 7.39 -20.11 -0.09
N GLY A 377 6.94 -18.90 -0.43
CA GLY A 377 5.58 -18.66 -0.85
C GLY A 377 5.53 -17.55 -1.87
N ASN A 378 6.71 -17.03 -2.23
CA ASN A 378 6.86 -15.88 -3.11
C ASN A 378 6.07 -14.67 -2.61
N ARG A 379 6.10 -14.44 -1.30
CA ARG A 379 5.44 -13.28 -0.71
C ARG A 379 6.44 -12.13 -0.63
N ASN A 380 6.07 -11.07 0.06
CA ASN A 380 6.91 -9.87 0.19
C ASN A 380 7.60 -9.92 1.53
N THR A 381 8.93 -10.03 1.52
CA THR A 381 9.73 -10.15 2.73
C THR A 381 10.60 -8.92 2.99
N HIS A 382 10.20 -7.74 2.49
CA HIS A 382 11.05 -6.57 2.66
C HIS A 382 11.07 -6.09 4.11
N LYS A 383 9.95 -6.24 4.82
CA LYS A 383 9.88 -5.77 6.19
C LYS A 383 10.49 -6.75 7.19
N ASP A 384 10.44 -8.06 6.91
CA ASP A 384 11.00 -9.03 7.85
C ASP A 384 12.52 -8.94 7.89
N LEU A 385 13.15 -8.70 6.75
CA LEU A 385 14.60 -8.51 6.75
C LEU A 385 14.99 -7.25 7.49
N LEU A 386 14.18 -6.19 7.37
CA LEU A 386 14.43 -4.97 8.14
C LEU A 386 14.28 -5.24 9.64
N ARG A 387 13.30 -6.05 10.02
CA ARG A 387 13.16 -6.44 11.42
C ARG A 387 14.38 -7.22 11.89
N PHE A 388 14.92 -8.08 11.02
CA PHE A 388 16.13 -8.81 11.38
C PHE A 388 17.32 -7.88 11.55
N ALA A 389 17.46 -6.88 10.67
CA ALA A 389 18.54 -5.92 10.83
C ALA A 389 18.37 -5.14 12.13
N GLN A 390 17.14 -4.74 12.45
CA GLN A 390 16.90 -4.00 13.68
C GLN A 390 17.20 -4.84 14.92
N VAL A 391 16.79 -6.10 14.94
CA VAL A 391 17.04 -6.92 16.13
C VAL A 391 18.51 -7.28 16.24
N PHE A 392 19.20 -7.49 15.11
CA PHE A 392 20.64 -7.74 15.16
C PHE A 392 21.39 -6.51 15.69
N SER A 393 21.01 -5.33 15.21
CA SER A 393 21.67 -4.11 15.66
C SER A 393 21.33 -3.78 17.11
N GLN A 394 20.13 -4.15 17.57
CA GLN A 394 19.81 -3.98 18.98
C GLN A 394 20.57 -4.97 19.84
N MET A 395 20.84 -6.17 19.32
CA MET A 395 21.71 -7.11 20.02
C MET A 395 23.13 -6.57 20.13
N ILE A 396 23.63 -5.98 19.04
CA ILE A 396 25.00 -5.47 19.04
C ILE A 396 25.12 -4.26 19.96
N HIS A 397 24.09 -3.40 19.97
CA HIS A 397 24.14 -2.18 20.78
C HIS A 397 24.20 -2.47 22.27
N LEU A 398 23.52 -3.53 22.73
CA LEU A 398 23.45 -3.86 24.15
C LEU A 398 24.58 -4.77 24.61
N ASN A 399 25.71 -4.75 23.90
CA ASN A 399 26.91 -5.55 24.24
C ASN A 399 26.62 -7.04 24.26
N GLU A 400 25.66 -7.49 23.45
CA GLU A 400 25.39 -8.91 23.30
C GLU A 400 26.09 -9.43 22.05
N THR A 401 25.97 -10.73 21.82
CA THR A 401 26.60 -11.39 20.69
C THR A 401 25.54 -11.92 19.74
N VAL A 402 25.91 -11.99 18.47
CA VAL A 402 25.03 -12.51 17.42
C VAL A 402 25.69 -13.72 16.81
N LYS A 403 24.94 -14.82 16.70
CA LYS A 403 25.47 -16.05 16.14
C LYS A 403 25.71 -15.85 14.64
N ALA A 404 26.91 -16.23 14.19
CA ALA A 404 27.26 -16.10 12.78
C ALA A 404 26.36 -16.92 11.83
N PRO A 405 25.95 -18.16 12.13
CA PRO A 405 24.98 -18.82 11.23
C PRO A 405 23.67 -18.08 11.09
N ASP A 406 23.23 -17.36 12.13
CA ASP A 406 22.02 -16.55 12.00
C ASP A 406 22.19 -15.44 10.97
N ILE A 407 23.33 -14.73 11.02
CA ILE A 407 23.59 -13.68 10.05
C ILE A 407 23.74 -14.28 8.65
N GLU A 408 24.36 -15.46 8.55
CA GLU A 408 24.49 -16.10 7.25
C GLU A 408 23.13 -16.46 6.66
N CYS A 409 22.23 -17.01 7.49
CA CYS A 409 20.90 -17.35 7.01
C CYS A 409 20.11 -16.12 6.59
N VAL A 410 20.19 -15.04 7.38
CA VAL A 410 19.48 -13.82 7.03
C VAL A 410 20.06 -13.20 5.78
N LEU A 411 21.38 -13.29 5.59
CA LEU A 411 22.00 -12.76 4.39
C LEU A 411 21.60 -13.55 3.16
N ARG A 412 21.52 -14.88 3.28
CA ARG A 412 21.05 -15.68 2.16
C ARG A 412 19.61 -15.34 1.81
N CYS A 413 18.75 -15.19 2.83
CA CYS A 413 17.37 -14.81 2.57
C CYS A 413 17.28 -13.43 1.93
N SER A 414 18.14 -12.50 2.37
CA SER A 414 18.14 -11.16 1.79
C SER A 414 18.62 -11.17 0.35
N VAL A 415 19.61 -12.00 0.03
CA VAL A 415 20.08 -12.11 -1.35
C VAL A 415 18.99 -12.69 -2.24
N LEU A 416 18.30 -13.73 -1.76
CA LEU A 416 17.21 -14.31 -2.54
C LEU A 416 16.08 -13.29 -2.73
N GLU A 417 15.79 -12.51 -1.68
CA GLU A 417 14.74 -11.51 -1.77
C GLU A 417 15.13 -10.41 -2.75
N ILE A 418 16.40 -10.01 -2.77
CA ILE A 418 16.84 -8.99 -3.71
C ILE A 418 16.78 -9.50 -5.14
N GLU A 419 17.11 -10.78 -5.35
CA GLU A 419 16.95 -11.39 -6.67
C GLU A 419 15.49 -11.36 -7.12
N GLN A 420 14.58 -11.78 -6.23
CA GLN A 420 13.17 -11.78 -6.56
C GLN A 420 12.65 -10.37 -6.80
N SER A 421 13.17 -9.39 -6.05
CA SER A 421 12.77 -8.01 -6.25
C SER A 421 13.27 -7.46 -7.58
N MET A 422 14.47 -7.84 -7.99
CA MET A 422 14.97 -7.45 -9.31
C MET A 422 14.09 -8.04 -10.41
N ASN A 423 13.71 -9.31 -10.26
CA ASN A 423 12.82 -9.94 -11.23
C ASN A 423 11.46 -9.24 -11.27
N ARG A 424 10.91 -8.91 -10.11
CA ARG A 424 9.62 -8.23 -10.04
C ARG A 424 9.69 -6.85 -10.65
N VAL A 425 10.76 -6.10 -10.39
CA VAL A 425 10.91 -4.75 -10.94
C VAL A 425 11.05 -4.81 -12.45
N LYS A 426 11.88 -5.73 -12.96
CA LYS A 426 12.04 -5.84 -14.41
C LYS A 426 10.82 -6.46 -15.08
N ASN A 427 9.92 -7.08 -14.32
CA ASN A 427 8.72 -7.69 -14.91
C ASN A 427 7.49 -6.80 -14.87
N ILE A 428 7.31 -6.01 -13.80
CA ILE A 428 6.11 -5.20 -13.69
C ILE A 428 6.20 -4.00 -14.63
N SER A 429 5.09 -3.72 -15.33
CA SER A 429 5.07 -2.62 -16.30
C SER A 429 4.77 -1.28 -15.63
N ASP A 430 3.57 -1.14 -15.06
CA ASP A 430 3.18 0.12 -14.45
C ASP A 430 2.29 -0.02 -13.22
N ALA A 431 2.01 -1.23 -12.76
CA ALA A 431 1.02 -1.42 -11.69
C ALA A 431 1.52 -0.85 -10.36
N ASP A 432 2.63 -1.39 -9.86
CA ASP A 432 3.25 -0.94 -8.62
C ASP A 432 4.75 -0.78 -8.81
N VAL A 433 5.14 -0.12 -9.90
CA VAL A 433 6.56 0.00 -10.21
C VAL A 433 7.27 0.90 -9.21
N HIS A 434 6.60 1.97 -8.74
CA HIS A 434 7.19 2.80 -7.70
C HIS A 434 7.29 2.04 -6.38
N ASN A 435 6.24 1.29 -6.03
CA ASN A 435 6.29 0.48 -4.81
C ASN A 435 7.36 -0.61 -4.92
N ALA A 436 7.47 -1.23 -6.09
CA ALA A 436 8.49 -2.27 -6.27
C ALA A 436 9.89 -1.68 -6.19
N MET A 437 10.11 -0.51 -6.78
CA MET A 437 11.43 0.13 -6.71
C MET A 437 11.76 0.56 -5.28
N ASP A 438 10.78 1.08 -4.55
CA ASP A 438 11.01 1.44 -3.15
C ASP A 438 11.32 0.21 -2.31
N ASN A 439 10.62 -0.89 -2.55
CA ASN A 439 10.91 -2.14 -1.85
C ASN A 439 12.31 -2.65 -2.19
N TYR A 440 12.71 -2.50 -3.46
CA TYR A 440 14.04 -2.91 -3.89
C TYR A 440 15.12 -2.10 -3.18
N GLU A 441 14.94 -0.78 -3.12
CA GLU A 441 15.91 0.06 -2.44
C GLU A 441 15.95 -0.23 -0.94
N CYS A 442 14.78 -0.48 -0.33
CA CYS A 442 14.75 -0.85 1.08
C CYS A 442 15.43 -2.19 1.34
N ASN A 443 15.26 -3.15 0.44
CA ASN A 443 15.94 -4.43 0.58
C ASN A 443 17.45 -4.26 0.46
N LEU A 444 17.90 -3.39 -0.45
CA LEU A 444 19.33 -3.14 -0.59
C LEU A 444 19.90 -2.48 0.66
N TYR A 445 19.18 -1.50 1.21
CA TYR A 445 19.63 -0.84 2.44
C TYR A 445 19.65 -1.83 3.61
N THR A 446 18.66 -2.73 3.65
CA THR A 446 18.64 -3.76 4.69
C THR A 446 19.85 -4.68 4.55
N PHE A 447 20.19 -5.04 3.31
CA PHE A 447 21.38 -5.87 3.09
C PHE A 447 22.63 -5.16 3.58
N LEU A 448 22.73 -3.85 3.34
CA LEU A 448 23.88 -3.11 3.83
C LEU A 448 23.93 -3.07 5.35
N TYR A 449 22.77 -2.92 6.00
CA TYR A 449 22.73 -2.98 7.46
C TYR A 449 23.21 -4.34 7.95
N LEU A 450 22.78 -5.41 7.27
CA LEU A 450 23.18 -6.75 7.67
C LEU A 450 24.68 -6.97 7.47
N VAL A 451 25.24 -6.42 6.39
CA VAL A 451 26.68 -6.53 6.17
C VAL A 451 27.44 -5.78 7.26
N CYS A 452 26.96 -4.59 7.64
CA CYS A 452 27.61 -3.85 8.72
C CYS A 452 27.55 -4.61 10.03
N ILE A 453 26.41 -5.23 10.32
CA ILE A 453 26.27 -6.02 11.54
C ILE A 453 27.19 -7.23 11.51
N SER A 454 27.31 -7.87 10.34
CA SER A 454 28.21 -9.01 10.20
C SER A 454 29.66 -8.59 10.44
N THR A 455 30.03 -7.40 9.98
CA THR A 455 31.37 -6.89 10.27
C THR A 455 31.53 -6.58 11.75
N LYS A 456 30.46 -6.18 12.43
CA LYS A 456 30.56 -5.82 13.83
C LYS A 456 30.51 -7.02 14.77
N THR A 457 30.37 -8.23 14.26
CA THR A 457 30.34 -9.43 15.08
C THR A 457 31.69 -10.13 15.03
N GLN A 458 31.75 -11.31 15.64
CA GLN A 458 32.92 -12.19 15.57
C GLN A 458 32.46 -13.51 14.98
N CYS A 459 32.96 -13.84 13.78
CA CYS A 459 32.51 -15.01 13.04
C CYS A 459 33.65 -15.99 12.84
N SER A 460 33.30 -17.27 12.74
CA SER A 460 34.29 -18.29 12.46
C SER A 460 34.72 -18.21 11.00
N GLU A 461 35.78 -18.96 10.67
CA GLU A 461 36.35 -18.90 9.33
C GLU A 461 35.37 -19.43 8.29
N GLU A 462 34.72 -20.55 8.57
CA GLU A 462 33.74 -21.09 7.64
C GLU A 462 32.52 -20.18 7.54
N ASP A 463 32.07 -19.63 8.66
CA ASP A 463 30.94 -18.72 8.65
C ASP A 463 31.27 -17.43 7.92
N GLN A 464 32.48 -16.90 8.12
CA GLN A 464 32.90 -15.71 7.37
C GLN A 464 33.00 -16.01 5.89
N CYS A 465 33.46 -17.21 5.53
CA CYS A 465 33.52 -17.59 4.12
C CYS A 465 32.12 -17.68 3.52
N LYS A 466 31.16 -18.22 4.28
CA LYS A 466 29.79 -18.29 3.80
C LYS A 466 29.19 -16.89 3.62
N ILE A 467 29.45 -16.00 4.58
CA ILE A 467 28.95 -14.63 4.49
C ILE A 467 29.54 -13.92 3.27
N ASN A 468 30.85 -14.08 3.06
CA ASN A 468 31.49 -13.49 1.90
C ASN A 468 31.00 -14.10 0.60
N LYS A 469 30.69 -15.40 0.61
CA LYS A 469 30.13 -16.02 -0.59
C LYS A 469 28.76 -15.46 -0.93
N GLN A 470 27.91 -15.25 0.08
CA GLN A 470 26.61 -14.64 -0.18
C GLN A 470 26.75 -13.20 -0.67
N ILE A 471 27.68 -12.45 -0.07
CA ILE A 471 27.91 -11.07 -0.49
C ILE A 471 28.42 -11.03 -1.94
N TYR A 472 29.32 -11.94 -2.29
CA TYR A 472 29.82 -12.01 -3.66
C TYR A 472 28.72 -12.44 -4.63
N ASN A 473 27.84 -13.34 -4.20
CA ASN A 473 26.72 -13.76 -5.03
C ASN A 473 25.80 -12.58 -5.32
N LEU A 474 25.60 -11.70 -4.34
CA LEU A 474 24.82 -10.50 -4.60
C LEU A 474 25.58 -9.53 -5.49
N ILE A 475 26.88 -9.36 -5.24
CA ILE A 475 27.66 -8.32 -5.92
C ILE A 475 27.80 -8.65 -7.40
N HIS A 476 27.95 -9.94 -7.73
CA HIS A 476 28.04 -10.34 -9.14
C HIS A 476 26.80 -9.98 -9.93
N LEU A 477 25.66 -9.79 -9.26
CA LEU A 477 24.47 -9.27 -9.92
C LEU A 477 24.53 -7.77 -10.18
N ASP A 478 25.32 -7.05 -9.37
CA ASP A 478 25.47 -5.59 -9.42
C ASP A 478 24.12 -4.90 -9.25
N PRO A 479 23.53 -4.93 -8.06
CA PRO A 479 22.26 -4.23 -7.85
C PRO A 479 22.42 -2.72 -7.90
N ARG A 480 21.37 -2.04 -8.36
CA ARG A 480 21.39 -0.60 -8.53
C ARG A 480 20.16 0.02 -7.88
N THR A 481 20.32 1.25 -7.40
CA THR A 481 19.22 2.00 -6.81
C THR A 481 18.56 2.87 -7.88
N ARG A 482 17.73 3.81 -7.44
CA ARG A 482 17.09 4.76 -8.37
C ARG A 482 18.13 5.62 -9.07
N GLU A 483 19.12 6.11 -8.31
CA GLU A 483 20.16 6.96 -8.87
C GLU A 483 21.28 6.17 -9.52
N GLY A 484 21.23 4.85 -9.49
CA GLY A 484 22.29 4.03 -10.04
C GLY A 484 23.36 3.63 -9.05
N PHE A 485 23.16 3.89 -7.76
CA PHE A 485 24.15 3.53 -6.76
C PHE A 485 24.25 2.02 -6.62
N THR A 486 25.47 1.51 -6.58
CA THR A 486 25.71 0.10 -6.29
C THR A 486 25.82 -0.07 -4.77
N LEU A 487 26.23 -1.25 -4.34
CA LEU A 487 26.39 -1.49 -2.90
C LEU A 487 27.54 -0.66 -2.33
N LEU A 488 28.67 -0.61 -3.05
CA LEU A 488 29.82 0.16 -2.58
C LEU A 488 29.50 1.64 -2.49
N HIS A 489 28.75 2.16 -3.46
CA HIS A 489 28.41 3.58 -3.48
C HIS A 489 27.62 3.99 -2.25
N LEU A 490 26.63 3.18 -1.88
CA LEU A 490 25.87 3.47 -0.66
C LEU A 490 26.70 3.23 0.58
N ALA A 491 27.57 2.21 0.56
CA ALA A 491 28.40 1.91 1.72
C ALA A 491 29.45 2.97 1.98
N VAL A 492 29.77 3.81 0.99
CA VAL A 492 30.67 4.93 1.20
C VAL A 492 29.92 6.25 1.26
N ASN A 493 28.59 6.22 1.29
CA ASN A 493 27.77 7.42 1.22
C ASN A 493 27.21 7.75 2.59
N SER A 494 27.37 9.01 3.01
CA SER A 494 26.77 9.46 4.27
C SER A 494 25.29 9.78 4.12
N ASN A 495 24.78 9.83 2.89
CA ASN A 495 23.37 10.11 2.65
C ASN A 495 22.52 8.85 2.61
N THR A 496 23.10 7.69 2.86
CA THR A 496 22.34 6.46 2.83
C THR A 496 21.36 6.44 4.01
N PRO A 497 20.08 6.22 3.77
CA PRO A 497 19.11 6.25 4.87
C PRO A 497 19.32 5.11 5.84
N VAL A 498 19.26 5.43 7.13
CA VAL A 498 19.26 4.45 8.20
C VAL A 498 18.01 4.69 9.03
N ASP A 499 17.20 3.65 9.20
CA ASP A 499 15.94 3.80 9.91
C ASP A 499 16.21 4.14 11.38
N ASP A 500 15.31 4.94 11.95
CA ASP A 500 15.51 5.46 13.30
C ASP A 500 15.44 4.39 14.37
N PHE A 501 14.80 3.26 14.08
CA PHE A 501 14.55 2.24 15.10
C PHE A 501 15.74 1.30 15.18
N HIS A 502 16.57 1.48 16.21
CA HIS A 502 17.57 0.51 16.65
C HIS A 502 18.60 0.11 15.60
N THR A 503 18.85 0.96 14.60
CA THR A 503 19.96 0.72 13.69
C THR A 503 20.96 1.86 13.64
N ASN A 504 20.60 3.05 14.14
CA ASN A 504 21.56 4.13 14.22
C ASN A 504 22.67 3.82 15.21
N ASP A 505 22.41 2.93 16.17
CA ASP A 505 23.39 2.60 17.18
C ASP A 505 24.56 1.81 16.63
N VAL A 506 24.37 1.10 15.50
CA VAL A 506 25.42 0.23 14.97
C VAL A 506 25.75 0.60 13.53
N CYS A 507 24.76 0.47 12.64
CA CYS A 507 24.99 0.63 11.20
C CYS A 507 25.09 2.11 10.87
N SER A 508 26.32 2.64 10.88
CA SER A 508 26.58 4.04 10.57
C SER A 508 27.33 4.11 9.26
N PHE A 509 26.77 4.85 8.30
CA PHE A 509 27.42 4.97 7.00
C PHE A 509 28.01 6.36 6.82
N PRO A 510 29.16 6.51 6.15
CA PRO A 510 29.99 5.49 5.51
C PRO A 510 30.77 4.67 6.53
N ASN A 511 30.94 3.38 6.29
CA ASN A 511 31.56 2.49 7.24
C ASN A 511 32.78 1.86 6.57
N ALA A 512 33.93 1.96 7.25
CA ALA A 512 35.16 1.43 6.67
C ALA A 512 35.12 -0.08 6.54
N LEU A 513 34.52 -0.74 7.53
CA LEU A 513 34.45 -2.20 7.52
C LEU A 513 33.61 -2.70 6.36
N VAL A 514 32.45 -2.06 6.11
CA VAL A 514 31.60 -2.48 5.00
C VAL A 514 32.29 -2.25 3.67
N THR A 515 32.96 -1.11 3.52
CA THR A 515 33.67 -0.81 2.27
C THR A 515 34.79 -1.80 2.02
N LYS A 516 35.57 -2.13 3.05
CA LYS A 516 36.63 -3.10 2.90
C LYS A 516 36.08 -4.48 2.57
N LEU A 517 34.99 -4.87 3.23
CA LEU A 517 34.39 -6.18 2.94
C LEU A 517 33.84 -6.25 1.51
N LEU A 518 33.20 -5.18 1.05
CA LEU A 518 32.67 -5.16 -0.30
C LEU A 518 33.79 -5.20 -1.33
N LEU A 519 34.88 -4.46 -1.08
CA LEU A 519 35.98 -4.45 -2.02
C LEU A 519 36.70 -5.79 -2.05
N ASP A 520 36.83 -6.45 -0.90
CA ASP A 520 37.46 -7.77 -0.87
C ASP A 520 36.56 -8.82 -1.51
N CYS A 521 35.24 -8.68 -1.37
CA CYS A 521 34.33 -9.65 -1.97
C CYS A 521 34.22 -9.48 -3.48
N GLY A 522 34.64 -8.34 -4.02
CA GLY A 522 34.68 -8.18 -5.46
C GLY A 522 33.74 -7.13 -6.00
N ALA A 523 33.47 -6.09 -5.23
CA ALA A 523 32.62 -5.01 -5.72
C ALA A 523 33.32 -4.22 -6.83
N GLU A 524 32.52 -3.68 -7.74
CA GLU A 524 33.04 -2.90 -8.84
C GLU A 524 33.51 -1.56 -8.31
N VAL A 525 34.81 -1.44 -8.05
CA VAL A 525 35.35 -0.23 -7.44
C VAL A 525 35.33 0.95 -8.39
N ASN A 526 35.27 0.69 -9.70
CA ASN A 526 35.21 1.75 -10.70
C ASN A 526 33.80 2.03 -11.18
N ALA A 527 32.79 1.47 -10.51
CA ALA A 527 31.42 1.64 -10.93
C ALA A 527 30.97 3.09 -10.77
N VAL A 528 30.03 3.50 -11.60
CA VAL A 528 29.46 4.84 -11.55
C VAL A 528 27.95 4.73 -11.51
N ASP A 529 27.32 5.74 -10.95
CA ASP A 529 25.87 5.82 -10.90
C ASP A 529 25.36 6.52 -12.16
N ASN A 530 24.08 6.90 -12.17
CA ASN A 530 23.56 7.66 -13.29
C ASN A 530 24.16 9.06 -13.34
N GLU A 531 24.47 9.64 -12.18
CA GLU A 531 25.13 10.93 -12.14
C GLU A 531 26.59 10.85 -12.57
N GLY A 532 27.16 9.65 -12.62
CA GLY A 532 28.53 9.46 -13.00
C GLY A 532 29.52 9.43 -11.86
N ASN A 533 29.08 9.67 -10.63
CA ASN A 533 29.99 9.66 -9.49
C ASN A 533 30.50 8.26 -9.23
N SER A 534 31.81 8.15 -8.97
CA SER A 534 32.39 6.90 -8.52
C SER A 534 32.20 6.77 -7.01
N ALA A 535 32.68 5.67 -6.44
CA ALA A 535 32.69 5.54 -4.99
C ALA A 535 33.64 6.54 -4.35
N LEU A 536 34.78 6.78 -5.00
CA LEU A 536 35.74 7.77 -4.53
C LEU A 536 35.13 9.17 -4.56
N HIS A 537 34.33 9.46 -5.59
CA HIS A 537 33.66 10.75 -5.68
C HIS A 537 32.72 10.96 -4.51
N ILE A 538 32.00 9.91 -4.11
CA ILE A 538 31.08 10.03 -2.99
C ILE A 538 31.85 10.19 -1.68
N ILE A 539 32.93 9.43 -1.51
CA ILE A 539 33.60 9.46 -0.21
C ILE A 539 34.41 10.74 -0.02
N VAL A 540 34.94 11.35 -1.08
CA VAL A 540 35.64 12.61 -0.87
C VAL A 540 34.63 13.73 -0.67
N GLN A 541 33.40 13.54 -1.15
CA GLN A 541 32.31 14.49 -0.95
C GLN A 541 31.67 14.17 0.39
N TYR A 542 32.39 14.50 1.46
CA TYR A 542 32.01 14.11 2.81
C TYR A 542 32.17 15.30 3.74
N ASN A 543 31.37 15.30 4.80
CA ASN A 543 31.22 16.48 5.66
C ASN A 543 31.71 16.27 7.09
N ARG A 544 32.38 15.16 7.38
CA ARG A 544 32.93 14.92 8.72
C ARG A 544 34.37 14.43 8.59
N PRO A 545 35.29 15.29 8.14
CA PRO A 545 36.66 14.82 7.88
C PRO A 545 37.51 14.65 9.13
N ILE A 546 37.09 15.19 10.28
CA ILE A 546 37.85 15.07 11.52
C ILE A 546 37.15 14.13 12.49
N SER A 547 35.81 14.16 12.52
CA SER A 547 35.06 13.39 13.51
C SER A 547 35.27 11.89 13.34
N ASP A 548 35.28 11.40 12.11
CA ASP A 548 35.60 10.01 11.81
C ASP A 548 36.73 9.95 10.79
N PHE A 549 37.81 10.68 11.07
CA PHE A 549 38.96 10.71 10.19
C PHE A 549 39.56 9.33 9.99
N LEU A 550 39.45 8.45 10.98
CA LEU A 550 39.87 7.06 10.78
C LEU A 550 39.01 6.38 9.73
N THR A 551 37.70 6.61 9.76
CA THR A 551 36.80 6.01 8.79
C THR A 551 37.09 6.50 7.38
N LEU A 552 37.20 7.82 7.21
CA LEU A 552 37.50 8.39 5.90
C LEU A 552 38.86 7.93 5.40
N HIS A 553 39.85 7.90 6.31
CA HIS A 553 41.19 7.46 5.96
C HIS A 553 41.18 6.03 5.44
N SER A 554 40.52 5.13 6.17
CA SER A 554 40.46 3.73 5.75
C SER A 554 39.67 3.55 4.47
N ILE A 555 38.57 4.28 4.29
CA ILE A 555 37.79 4.10 3.06
C ILE A 555 38.56 4.59 1.85
N ILE A 556 39.22 5.75 1.94
CA ILE A 556 39.99 6.25 0.81
C ILE A 556 41.17 5.33 0.51
N ILE A 557 41.86 4.86 1.56
CA ILE A 557 42.97 3.93 1.35
C ILE A 557 42.49 2.65 0.68
N SER A 558 41.36 2.11 1.14
CA SER A 558 40.84 0.87 0.57
C SER A 558 40.38 1.07 -0.87
N LEU A 559 39.77 2.21 -1.17
CA LEU A 559 39.30 2.47 -2.53
C LEU A 559 40.46 2.62 -3.50
N VAL A 560 41.52 3.34 -3.11
CA VAL A 560 42.68 3.48 -3.99
C VAL A 560 43.50 2.19 -4.06
N GLU A 561 43.53 1.38 -3.01
CA GLU A 561 44.24 0.11 -3.05
C GLU A 561 43.49 -0.95 -3.83
N ALA A 562 42.15 -0.86 -3.91
CA ALA A 562 41.39 -1.78 -4.74
C ALA A 562 41.64 -1.53 -6.23
N GLY A 563 42.05 -0.33 -6.60
CA GLY A 563 42.41 -0.05 -7.98
C GLY A 563 41.49 0.92 -8.68
N ALA A 564 40.75 1.72 -7.91
CA ALA A 564 39.90 2.73 -8.50
C ALA A 564 40.75 3.85 -9.11
N HIS A 565 40.29 4.38 -10.24
CA HIS A 565 40.95 5.55 -10.79
C HIS A 565 40.70 6.77 -9.91
N THR A 566 41.76 7.53 -9.68
CA THR A 566 41.73 8.69 -8.81
C THR A 566 41.45 9.99 -9.55
N ASP A 567 41.19 9.94 -10.84
CA ASP A 567 40.84 11.13 -11.62
C ASP A 567 39.71 10.83 -12.58
N MET A 568 38.77 9.97 -12.19
CA MET A 568 37.63 9.68 -13.02
C MET A 568 36.73 10.91 -13.09
N THR A 569 35.95 11.01 -14.17
CA THR A 569 35.07 12.15 -14.36
C THR A 569 33.62 11.70 -14.40
N ASN A 570 32.76 12.44 -13.71
CA ASN A 570 31.34 12.17 -13.71
C ASN A 570 30.69 12.84 -14.92
N LYS A 571 29.35 12.89 -14.93
CA LYS A 571 28.62 13.53 -16.02
C LYS A 571 28.89 15.02 -16.11
N GLN A 572 29.23 15.66 -14.99
CA GLN A 572 29.58 17.07 -14.98
C GLN A 572 31.07 17.29 -15.26
N ASN A 573 31.80 16.23 -15.58
CA ASN A 573 33.22 16.27 -15.91
C ASN A 573 34.04 16.86 -14.76
N LYS A 574 33.95 16.21 -13.61
CA LYS A 574 34.67 16.63 -12.41
C LYS A 574 35.47 15.45 -11.87
N THR A 575 36.74 15.69 -11.60
CA THR A 575 37.60 14.73 -10.93
C THR A 575 37.28 14.70 -9.43
N PRO A 576 37.55 13.58 -8.74
CA PRO A 576 37.29 13.55 -7.29
C PRO A 576 38.14 14.51 -6.48
N LEU A 577 39.26 14.98 -7.03
CA LEU A 577 40.02 16.01 -6.32
C LEU A 577 39.24 17.31 -6.22
N ASP A 578 38.57 17.71 -7.30
CA ASP A 578 37.72 18.89 -7.29
C ASP A 578 36.42 18.65 -6.53
N LYS A 579 35.94 17.42 -6.52
CA LYS A 579 34.69 17.08 -5.85
C LYS A 579 34.90 17.03 -4.34
N SER A 580 36.16 16.95 -3.90
CA SER A 580 36.46 16.90 -2.48
C SER A 580 36.09 18.22 -1.81
N THR A 581 35.11 18.17 -0.92
CA THR A 581 34.54 19.36 -0.31
C THR A 581 35.28 19.80 0.94
N THR A 582 36.24 19.01 1.41
CA THR A 582 36.98 19.34 2.63
C THR A 582 38.46 19.28 2.31
N GLY A 583 39.25 20.13 2.97
CA GLY A 583 40.68 20.16 2.76
C GLY A 583 41.37 18.87 3.18
N VAL A 584 40.90 18.26 4.26
CA VAL A 584 41.55 17.05 4.77
C VAL A 584 41.37 15.90 3.81
N SER A 585 40.16 15.71 3.28
CA SER A 585 39.93 14.64 2.32
C SER A 585 40.69 14.85 1.03
N GLU A 586 40.77 16.10 0.55
CA GLU A 586 41.55 16.39 -0.65
C GLU A 586 43.03 16.12 -0.43
N ILE A 587 43.56 16.53 0.73
CA ILE A 587 44.97 16.28 1.03
C ILE A 587 45.26 14.80 1.09
N LEU A 588 44.37 14.06 1.76
CA LEU A 588 44.56 12.62 1.92
C LEU A 588 44.48 11.89 0.58
N LEU A 589 43.50 12.28 -0.26
CA LEU A 589 43.38 11.67 -1.58
C LEU A 589 44.58 11.99 -2.45
N LYS A 590 45.06 13.25 -2.39
CA LYS A 590 46.23 13.64 -3.17
C LYS A 590 47.46 12.87 -2.74
N THR A 591 47.59 12.60 -1.44
CA THR A 591 48.65 11.71 -0.98
C THR A 591 48.46 10.30 -1.53
N GLN A 592 47.22 9.80 -1.53
CA GLN A 592 46.95 8.48 -2.09
C GLN A 592 47.03 8.48 -3.61
N MET A 593 46.83 9.62 -4.26
CA MET A 593 46.80 9.66 -5.71
C MET A 593 48.19 9.50 -6.29
N LYS A 594 48.32 8.59 -7.25
CA LYS A 594 49.57 8.37 -7.96
C LYS A 594 49.39 8.74 -9.42
N MET A 595 50.25 9.61 -9.92
CA MET A 595 50.11 10.14 -11.26
C MET A 595 50.46 9.09 -12.31
N SER A 596 49.87 9.26 -13.50
CA SER A 596 50.14 8.40 -14.64
C SER A 596 50.28 9.27 -15.88
N LEU A 597 51.28 8.96 -16.71
CA LEU A 597 51.40 9.69 -17.97
C LEU A 597 50.26 9.35 -18.91
N LYS A 598 49.69 8.15 -18.79
CA LYS A 598 48.47 7.82 -19.52
C LYS A 598 47.30 8.70 -19.07
N CYS A 599 47.17 8.89 -17.76
CA CYS A 599 46.12 9.77 -17.25
C CYS A 599 46.36 11.22 -17.65
N LEU A 600 47.61 11.68 -17.62
CA LEU A 600 47.92 13.03 -18.05
C LEU A 600 47.60 13.24 -19.52
N ALA A 601 47.96 12.27 -20.36
CA ALA A 601 47.65 12.36 -21.78
C ALA A 601 46.15 12.35 -22.04
N ALA A 602 45.41 11.49 -21.31
CA ALA A 602 43.96 11.45 -21.48
C ALA A 602 43.32 12.76 -21.05
N ARG A 603 43.78 13.35 -19.95
CA ARG A 603 43.23 14.62 -19.51
C ARG A 603 43.57 15.73 -20.50
N ALA A 604 44.77 15.69 -21.09
CA ALA A 604 45.14 16.66 -22.11
C ALA A 604 44.26 16.52 -23.35
N VAL A 605 43.97 15.29 -23.74
CA VAL A 605 43.10 15.05 -24.90
C VAL A 605 41.69 15.56 -24.62
N ARG A 606 41.17 15.28 -23.42
CA ARG A 606 39.83 15.74 -23.08
C ARG A 606 39.76 17.27 -23.00
N ALA A 607 40.85 17.90 -22.53
CA ALA A 607 40.87 19.36 -22.46
C ALA A 607 41.01 19.98 -23.85
N ASN A 608 41.73 19.33 -24.76
CA ASN A 608 42.00 19.88 -26.08
C ASN A 608 40.95 19.54 -27.11
N ASP A 609 39.93 18.74 -26.74
CA ASP A 609 38.85 18.36 -27.65
C ASP A 609 39.36 17.68 -28.91
N ILE A 610 40.39 16.86 -28.77
CA ILE A 610 40.91 16.09 -29.89
C ILE A 610 39.87 15.05 -30.30
N ASN A 611 39.71 14.86 -31.61
CA ASN A 611 38.74 13.91 -32.12
C ASN A 611 39.22 12.48 -31.92
N TYR A 612 39.25 12.03 -30.65
CA TYR A 612 39.77 10.72 -30.31
C TYR A 612 38.81 9.58 -30.63
N GLN A 613 37.56 9.89 -30.96
CA GLN A 613 36.61 8.85 -31.35
C GLN A 613 37.05 8.24 -32.67
N ASP A 614 37.02 6.91 -32.74
CA ASP A 614 37.40 6.12 -33.90
C ASP A 614 38.86 6.35 -34.31
N GLN A 615 39.70 6.82 -33.40
CA GLN A 615 41.11 7.03 -33.70
C GLN A 615 42.04 6.23 -32.80
N ILE A 616 41.85 6.28 -31.48
CA ILE A 616 42.66 5.55 -30.54
C ILE A 616 42.08 4.14 -30.38
N PRO A 617 42.85 3.17 -29.86
CA PRO A 617 42.30 1.82 -29.62
C PRO A 617 41.03 1.81 -28.78
N ARG A 618 40.27 0.71 -28.87
CA ARG A 618 38.95 0.66 -28.26
C ARG A 618 39.01 0.81 -26.74
N THR A 619 39.99 0.17 -26.11
CA THR A 619 40.15 0.30 -24.66
C THR A 619 40.43 1.74 -24.27
N LEU A 620 41.33 2.42 -25.00
CA LEU A 620 41.57 3.83 -24.76
C LEU A 620 40.37 4.69 -25.16
N GLU A 621 39.43 4.15 -25.94
CA GLU A 621 38.18 4.87 -26.18
C GLU A 621 37.34 4.93 -24.92
N GLU A 622 37.56 4.00 -23.98
CA GLU A 622 36.89 4.04 -22.68
C GLU A 622 37.68 4.86 -21.67
N PHE A 623 39.01 4.71 -21.67
CA PHE A 623 39.89 5.43 -20.75
C PHE A 623 39.70 6.93 -20.86
N VAL A 624 39.96 7.49 -22.04
CA VAL A 624 39.71 8.90 -22.31
C VAL A 624 38.26 9.26 -22.09
N GLY A 625 37.36 8.27 -22.17
CA GLY A 625 35.95 8.50 -21.89
C GLY A 625 35.66 8.95 -20.48
N PHE A 626 36.55 8.71 -19.52
CA PHE A 626 36.27 9.15 -18.15
C PHE A 626 37.42 9.91 -17.49
N HIS A 627 38.44 10.33 -18.22
CA HIS A 627 39.36 11.34 -17.70
C HIS A 627 39.03 12.72 -18.23
N UNK B 1 6.70 4.46 24.48
CA UNK B 1 7.86 4.25 23.62
C UNK B 1 7.51 3.32 22.46
N UNK B 2 8.45 3.16 21.54
CA UNK B 2 8.28 2.29 20.38
C UNK B 2 9.05 1.00 20.61
N UNK B 3 8.35 -0.13 20.50
CA UNK B 3 8.93 -1.45 20.71
C UNK B 3 8.74 -2.29 19.46
N UNK B 4 9.39 -3.45 19.44
CA UNK B 4 9.29 -4.34 18.29
C UNK B 4 7.89 -4.92 18.15
N UNK B 5 7.17 -5.10 19.27
CA UNK B 5 5.80 -5.58 19.20
C UNK B 5 4.88 -4.56 18.56
N UNK B 6 5.06 -3.27 18.88
CA UNK B 6 4.20 -2.25 18.32
C UNK B 6 4.51 -1.99 16.84
N UNK B 7 5.79 -2.01 16.48
CA UNK B 7 6.18 -1.69 15.11
C UNK B 7 5.86 -2.82 14.14
N UNK B 8 5.63 -4.03 14.63
CA UNK B 8 5.31 -5.17 13.77
C UNK B 8 3.81 -5.23 13.53
N UNK B 9 3.32 -4.23 12.82
CA UNK B 9 1.90 -4.13 12.50
C UNK B 9 1.68 -4.12 11.00
N LYS C 37 -21.53 48.72 -21.32
CA LYS C 37 -22.77 48.72 -20.55
C LYS C 37 -23.30 47.29 -20.40
N ASP C 38 -22.86 46.40 -21.30
CA ASP C 38 -23.23 45.00 -21.25
C ASP C 38 -22.02 44.08 -21.43
N ALA C 39 -20.83 44.56 -21.15
CA ALA C 39 -19.60 43.82 -21.41
C ALA C 39 -19.33 42.82 -20.29
N GLU C 40 -18.11 42.27 -20.26
CA GLU C 40 -17.75 41.26 -19.28
C GLU C 40 -17.69 41.83 -17.87
N ALA C 41 -17.41 43.13 -17.74
CA ALA C 41 -17.27 43.74 -16.42
C ALA C 41 -18.58 43.69 -15.65
N VAL C 42 -19.67 44.17 -16.26
CA VAL C 42 -20.97 44.07 -15.63
C VAL C 42 -21.46 42.63 -15.60
N GLN C 43 -20.95 41.78 -16.49
CA GLN C 43 -21.27 40.35 -16.42
C GLN C 43 -20.73 39.75 -15.13
N LYS C 44 -19.46 40.03 -14.81
CA LYS C 44 -18.89 39.63 -13.54
C LYS C 44 -19.60 40.30 -12.37
N PHE C 45 -20.07 41.54 -12.57
CA PHE C 45 -20.81 42.24 -11.54
C PHE C 45 -22.08 41.49 -11.16
N PHE C 46 -22.92 41.14 -12.14
CA PHE C 46 -24.16 40.49 -11.73
C PHE C 46 -23.92 39.01 -11.43
N LEU C 47 -22.80 38.45 -11.89
CA LEU C 47 -22.36 37.15 -11.40
C LEU C 47 -22.13 37.18 -9.90
N GLU C 48 -21.41 38.19 -9.43
CA GLU C 48 -21.22 38.36 -7.99
C GLU C 48 -22.54 38.69 -7.28
N GLU C 49 -23.42 39.43 -7.96
CA GLU C 49 -24.73 39.75 -7.39
C GLU C 49 -25.54 38.49 -7.11
N ILE C 50 -25.63 37.59 -8.09
CA ILE C 50 -26.37 36.35 -7.86
C ILE C 50 -25.59 35.37 -6.99
N GLN C 51 -24.25 35.47 -6.91
CA GLN C 51 -23.51 34.68 -5.95
C GLN C 51 -23.88 35.05 -4.53
N LEU C 52 -23.88 36.36 -4.23
CA LEU C 52 -24.32 36.82 -2.91
C LEU C 52 -25.80 36.51 -2.71
N GLY C 53 -26.59 36.56 -3.78
CA GLY C 53 -27.99 36.17 -3.67
C GLY C 53 -28.15 34.72 -3.24
N GLU C 54 -27.36 33.82 -3.84
CA GLU C 54 -27.40 32.41 -3.45
C GLU C 54 -26.95 32.25 -2.00
N GLU C 55 -25.88 32.92 -1.61
CA GLU C 55 -25.36 32.77 -0.26
C GLU C 55 -26.35 33.26 0.79
N LEU C 56 -26.86 34.47 0.63
CA LEU C 56 -27.83 35.02 1.58
C LEU C 56 -29.20 34.38 1.44
N LEU C 57 -29.47 33.71 0.31
CA LEU C 57 -30.75 33.05 0.09
C LEU C 57 -30.78 31.70 0.79
N ALA C 58 -29.67 30.97 0.75
CA ALA C 58 -29.52 29.80 1.60
C ALA C 58 -29.44 30.20 3.07
N GLN C 59 -28.82 31.34 3.37
CA GLN C 59 -28.80 31.82 4.74
C GLN C 59 -30.15 32.35 5.20
N GLY C 60 -31.05 32.67 4.28
CA GLY C 60 -32.39 33.09 4.63
C GLY C 60 -32.75 34.53 4.32
N GLU C 61 -31.80 35.33 3.82
CA GLU C 61 -32.07 36.72 3.47
C GLU C 61 -32.77 36.76 2.11
N TYR C 62 -34.06 36.44 2.13
CA TYR C 62 -34.83 36.37 0.91
C TYR C 62 -35.08 37.74 0.30
N GLU C 63 -35.30 38.76 1.13
CA GLU C 63 -35.45 40.11 0.62
C GLU C 63 -34.13 40.64 0.04
N LYS C 64 -33.02 40.38 0.72
CA LYS C 64 -31.72 40.77 0.19
C LYS C 64 -31.39 39.99 -1.08
N GLY C 65 -31.74 38.69 -1.11
CA GLY C 65 -31.52 37.90 -2.29
C GLY C 65 -32.33 38.36 -3.48
N VAL C 66 -33.61 38.70 -3.26
CA VAL C 66 -34.44 39.16 -4.36
C VAL C 66 -34.01 40.55 -4.83
N ASP C 67 -33.53 41.40 -3.91
CA ASP C 67 -33.00 42.70 -4.34
C ASP C 67 -31.72 42.53 -5.15
N HIS C 68 -30.84 41.61 -4.75
CA HIS C 68 -29.63 41.37 -5.51
C HIS C 68 -29.94 40.75 -6.88
N LEU C 69 -30.96 39.88 -6.94
CA LEU C 69 -31.35 39.32 -8.22
C LEU C 69 -32.02 40.36 -9.11
N THR C 70 -32.73 41.33 -8.51
CA THR C 70 -33.24 42.46 -9.29
C THR C 70 -32.10 43.28 -9.87
N ASN C 71 -31.07 43.55 -9.05
CA ASN C 71 -29.89 44.24 -9.55
C ASN C 71 -29.17 43.43 -10.62
N ALA C 72 -29.25 42.10 -10.55
CA ALA C 72 -28.61 41.24 -11.53
C ALA C 72 -29.37 41.24 -12.85
N ILE C 73 -30.70 41.24 -12.80
CA ILE C 73 -31.50 41.25 -14.02
C ILE C 73 -31.59 42.66 -14.62
N ALA C 74 -31.33 43.70 -13.85
CA ALA C 74 -31.47 45.06 -14.34
C ALA C 74 -30.27 45.55 -15.16
N VAL C 75 -29.36 44.67 -15.58
CA VAL C 75 -28.24 45.04 -16.43
C VAL C 75 -28.31 44.37 -17.79
N CYS C 76 -28.72 43.10 -17.85
CA CYS C 76 -28.92 42.39 -19.10
C CYS C 76 -30.40 42.51 -19.46
N GLY C 77 -30.69 43.23 -20.53
CA GLY C 77 -32.04 43.65 -20.84
C GLY C 77 -33.00 42.58 -21.31
N GLN C 78 -32.51 41.41 -21.71
CA GLN C 78 -33.38 40.33 -22.18
C GLN C 78 -32.78 38.97 -21.82
N PRO C 79 -32.80 38.62 -20.53
CA PRO C 79 -32.31 37.29 -20.13
C PRO C 79 -33.43 36.25 -20.11
N GLN C 80 -33.88 35.86 -21.31
CA GLN C 80 -34.96 34.87 -21.43
C GLN C 80 -34.54 33.52 -20.85
N GLN C 81 -33.27 33.16 -21.03
CA GLN C 81 -32.77 31.89 -20.50
C GLN C 81 -32.89 31.85 -18.98
N LEU C 82 -32.42 32.89 -18.30
CA LEU C 82 -32.57 32.95 -16.86
C LEU C 82 -34.03 33.12 -16.46
N LEU C 83 -34.81 33.83 -17.29
CA LEU C 83 -36.25 33.98 -17.05
C LEU C 83 -36.96 32.64 -17.01
N GLN C 84 -36.48 31.67 -17.79
CA GLN C 84 -37.08 30.34 -17.73
C GLN C 84 -36.45 29.44 -16.68
N VAL C 85 -35.13 29.54 -16.49
CA VAL C 85 -34.46 28.66 -15.53
C VAL C 85 -34.86 28.99 -14.11
N LEU C 86 -34.85 30.28 -13.74
CA LEU C 86 -35.22 30.68 -12.40
C LEU C 86 -36.70 30.48 -12.11
N GLN C 87 -37.51 30.24 -13.13
CA GLN C 87 -38.87 29.78 -12.90
C GLN C 87 -38.92 28.31 -12.48
N GLN C 88 -37.84 27.56 -12.68
CA GLN C 88 -37.83 26.14 -12.37
C GLN C 88 -36.85 25.80 -11.24
N THR C 89 -35.57 26.17 -11.37
CA THR C 89 -34.58 25.74 -10.39
C THR C 89 -34.70 26.50 -9.08
N LEU C 90 -35.33 27.66 -9.08
CA LEU C 90 -35.46 28.40 -7.84
C LEU C 90 -36.57 27.79 -6.97
N PRO C 91 -36.49 27.99 -5.65
CA PRO C 91 -37.62 27.63 -4.81
C PRO C 91 -38.85 28.42 -5.20
N PRO C 92 -40.03 27.83 -5.07
CA PRO C 92 -41.27 28.52 -5.47
C PRO C 92 -41.50 29.85 -4.77
N PRO C 93 -41.23 30.01 -3.45
CA PRO C 93 -41.54 31.32 -2.85
C PRO C 93 -40.65 32.45 -3.30
N VAL C 94 -39.34 32.24 -3.42
CA VAL C 94 -38.44 33.34 -3.75
C VAL C 94 -38.70 33.85 -5.17
N PHE C 95 -38.88 32.94 -6.12
CA PHE C 95 -39.22 33.38 -7.47
C PHE C 95 -40.67 33.84 -7.59
N GLN C 96 -41.56 33.36 -6.71
CA GLN C 96 -42.91 33.89 -6.68
C GLN C 96 -42.89 35.37 -6.28
N MET C 97 -42.01 35.73 -5.35
CA MET C 97 -41.82 37.14 -5.03
C MET C 97 -41.14 37.87 -6.18
N LEU C 98 -40.10 37.27 -6.76
CA LEU C 98 -39.27 37.99 -7.74
C LEU C 98 -40.02 38.26 -9.04
N LEU C 99 -40.83 37.30 -9.51
CA LEU C 99 -41.59 37.49 -10.73
C LEU C 99 -42.61 38.61 -10.57
N THR C 100 -43.21 38.73 -9.39
CA THR C 100 -44.10 39.86 -9.12
C THR C 100 -43.31 41.16 -9.00
N LYS C 101 -42.08 41.10 -8.48
CA LYS C 101 -41.26 42.30 -8.36
C LYS C 101 -40.73 42.79 -9.70
N LEU C 102 -40.65 41.91 -10.71
CA LEU C 102 -40.07 42.30 -11.99
C LEU C 102 -40.81 43.43 -12.71
N PRO C 103 -42.15 43.51 -12.75
CA PRO C 103 -42.78 44.73 -13.28
C PRO C 103 -42.41 45.99 -12.53
N THR C 104 -42.15 45.90 -11.23
CA THR C 104 -41.72 47.05 -10.44
C THR C 104 -40.24 47.33 -10.65
#